data_4FX7
#
_entry.id   4FX7
#
_cell.length_a   66.616
_cell.length_b   83.265
_cell.length_c   80.154
_cell.angle_alpha   90.00
_cell.angle_beta   102.66
_cell.angle_gamma   90.00
#
_symmetry.space_group_name_H-M   'P 1 21 1'
#
loop_
_entity.id
_entity.type
_entity.pdbx_description
1 polymer 'Imidazole glycerol phosphate synthase subunit HisF'
2 non-polymer 'HYDROGENPHOSPHATE ION'
3 water water
#
_entity_poly.entity_id   1
_entity_poly.type   'polypeptide(L)'
_entity_poly.pdbx_seq_one_letter_code
;MQRVVVAIVAKRVDGEFMVFTHSGKKNTGILLRDWVVEVEKRGAGEILLTSIDRVGTKSGYDTEMIRFVRPLTTLPIIAS
GGAGKMEHFLEAFLAGADKVSINTAAVENPSLITQIAQTFGSQAVVVAIVAKRVDGEFMVFTHSGKKNTGILLRDWVVEV
EKRGAGEILLTSIDRVGTKSGYDTEMIRFVRPLTTLPIIASGGAGKMEHFLEAFLAGADKVSINTAAVENPSLITQIAQT
FGSLEHHHHHH
;
_entity_poly.pdbx_strand_id   A,B,C,D
#
loop_
_chem_comp.id
_chem_comp.type
_chem_comp.name
_chem_comp.formula
PI non-polymer 'HYDROGENPHOSPHATE ION' 'H O4 P -2'
#
# COMPACT_ATOMS: atom_id res chain seq x y z
N GLN A 2 8.92 12.58 10.73
CA GLN A 2 7.58 13.06 11.05
C GLN A 2 7.00 12.29 12.23
N ARG A 3 7.39 11.02 12.34
CA ARG A 3 6.96 10.22 13.48
C ARG A 3 8.00 10.29 14.60
N VAL A 4 9.08 11.05 14.36
CA VAL A 4 10.21 11.09 15.28
C VAL A 4 10.30 12.41 16.02
N VAL A 5 10.09 12.35 17.31
CA VAL A 5 10.21 13.55 18.12
C VAL A 5 11.43 13.38 18.99
N VAL A 6 12.30 14.38 18.99
CA VAL A 6 13.38 14.39 19.93
C VAL A 6 13.04 15.33 21.07
N ALA A 7 13.03 14.78 22.27
CA ALA A 7 12.74 15.55 23.47
C ALA A 7 14.06 16.06 24.01
N ILE A 8 14.19 17.37 24.09
CA ILE A 8 15.38 17.97 24.65
C ILE A 8 15.02 18.62 25.98
N VAL A 9 15.64 18.15 27.06
CA VAL A 9 15.43 18.72 28.39
C VAL A 9 16.60 19.61 28.78
N ALA A 10 16.34 20.91 28.98
CA ALA A 10 17.40 21.86 29.27
C ALA A 10 17.21 22.70 30.53
N LYS A 11 18.33 23.16 31.06
CA LYS A 11 18.38 23.92 32.28
C LYS A 11 19.58 24.85 32.20
N ARG A 12 19.43 26.06 32.71
CA ARG A 12 20.55 26.96 32.91
C ARG A 12 21.49 26.42 33.99
N VAL A 13 22.76 26.32 33.64
CA VAL A 13 23.79 25.86 34.55
C VAL A 13 24.96 26.81 34.34
N ASP A 14 25.36 27.53 35.41
CA ASP A 14 26.30 28.66 35.36
C ASP A 14 26.14 29.60 34.15
N GLY A 15 24.90 30.00 33.87
CA GLY A 15 24.63 30.91 32.78
C GLY A 15 24.44 30.27 31.40
N GLU A 16 24.67 28.96 31.31
CA GLU A 16 24.59 28.27 30.02
C GLU A 16 23.39 27.32 29.96
N PHE A 17 22.70 27.27 28.81
CA PHE A 17 21.68 26.25 28.61
C PHE A 17 22.38 24.92 28.35
N MET A 18 22.15 23.96 29.23
CA MET A 18 22.73 22.62 29.13
C MET A 18 21.67 21.55 28.94
N VAL A 19 22.07 20.46 28.29
CA VAL A 19 21.20 19.33 28.06
C VAL A 19 21.22 18.32 29.20
N PHE A 20 20.03 17.87 29.61
CA PHE A 20 19.90 16.89 30.69
C PHE A 20 19.20 15.66 30.19
N THR A 21 19.75 14.50 30.55
CA THR A 21 19.11 13.23 30.26
C THR A 21 18.75 12.49 31.55
N HIS A 22 18.36 11.23 31.40
CA HIS A 22 18.02 10.37 32.53
C HIS A 22 16.98 10.97 33.44
N SER A 23 15.88 11.43 32.86
CA SER A 23 14.76 11.97 33.62
C SER A 23 15.21 13.15 34.42
N GLY A 24 16.04 13.98 33.80
CA GLY A 24 16.49 15.23 34.40
C GLY A 24 17.49 15.08 35.53
N LYS A 25 18.14 13.92 35.61
CA LYS A 25 19.11 13.69 36.67
C LYS A 25 20.56 13.80 36.20
N LYS A 26 20.75 13.92 34.90
CA LYS A 26 22.11 13.97 34.40
C LYS A 26 22.46 15.20 33.57
N ASN A 27 23.37 16.01 34.08
CA ASN A 27 23.91 17.10 33.28
C ASN A 27 24.88 16.48 32.33
N THR A 28 24.54 16.46 31.05
CA THR A 28 25.40 15.83 30.05
C THR A 28 26.69 16.62 29.78
N GLY A 29 26.68 17.91 30.12
CA GLY A 29 27.81 18.75 29.76
C GLY A 29 27.74 19.19 28.29
N ILE A 30 26.64 18.84 27.62
CA ILE A 30 26.44 19.28 26.25
C ILE A 30 25.55 20.53 26.22
N LEU A 31 25.98 21.53 25.44
CA LEU A 31 25.21 22.74 25.30
C LEU A 31 23.95 22.54 24.48
N LEU A 32 22.85 23.13 24.93
CA LEU A 32 21.61 23.14 24.16
C LEU A 32 21.84 23.57 22.71
N ARG A 33 22.64 24.63 22.54
CA ARG A 33 22.99 25.14 21.21
C ARG A 33 23.50 24.02 20.31
N ASP A 34 24.52 23.32 20.77
CA ASP A 34 25.13 22.26 19.96
C ASP A 34 24.21 21.07 19.70
N TRP A 35 23.41 20.70 20.69
CA TRP A 35 22.53 19.54 20.54
C TRP A 35 21.38 19.82 19.59
N VAL A 36 20.84 21.04 19.62
CA VAL A 36 19.75 21.37 18.72
C VAL A 36 20.21 21.30 17.27
N VAL A 37 21.41 21.80 17.03
CA VAL A 37 21.94 21.80 15.68
C VAL A 37 22.12 20.36 15.20
N GLU A 38 22.68 19.54 16.08
CA GLU A 38 22.92 18.15 15.77
C GLU A 38 21.62 17.40 15.52
N VAL A 39 20.60 17.60 16.36
CA VAL A 39 19.37 16.81 16.17
C VAL A 39 18.68 17.02 14.82
N GLU A 40 18.76 18.23 14.28
CA GLU A 40 18.14 18.49 12.98
C GLU A 40 18.95 17.84 11.87
N LYS A 41 20.27 18.02 11.96
CA LYS A 41 21.20 17.38 11.05
C LYS A 41 21.01 15.86 11.00
N ARG A 42 20.73 15.25 12.15
CA ARG A 42 20.53 13.80 12.19
C ARG A 42 19.18 13.31 11.60
N GLY A 43 18.22 14.22 11.42
CA GLY A 43 16.95 13.88 10.77
C GLY A 43 15.66 13.87 11.61
N ALA A 44 15.69 14.47 12.80
CA ALA A 44 14.46 14.56 13.62
C ALA A 44 13.33 15.32 12.92
N GLY A 45 12.09 14.94 13.21
CA GLY A 45 10.94 15.62 12.63
C GLY A 45 10.41 16.79 13.46
N GLU A 46 10.60 16.72 14.77
CA GLU A 46 10.06 17.72 15.70
C GLU A 46 10.96 17.73 16.91
N ILE A 47 10.97 18.86 17.62
CA ILE A 47 11.67 18.94 18.88
C ILE A 47 10.71 19.30 20.00
N LEU A 48 10.73 18.49 21.05
CA LEU A 48 10.01 18.81 22.27
C LEU A 48 11.01 19.49 23.18
N LEU A 49 10.81 20.77 23.42
CA LEU A 49 11.79 21.55 24.17
C LEU A 49 11.27 21.82 25.56
N THR A 50 11.75 21.04 26.53
CA THR A 50 11.29 21.17 27.89
C THR A 50 12.29 21.94 28.72
N SER A 51 11.82 23.02 29.34
CA SER A 51 12.63 23.80 30.27
C SER A 51 12.36 23.25 31.66
N ILE A 52 13.29 22.44 32.15
CA ILE A 52 13.05 21.67 33.36
C ILE A 52 12.82 22.54 34.61
N ASP A 53 13.39 23.75 34.63
CA ASP A 53 13.09 24.71 35.71
C ASP A 53 11.63 25.19 35.75
N ARG A 54 10.91 25.08 34.65
CA ARG A 54 9.57 25.64 34.59
C ARG A 54 8.48 24.61 34.91
N VAL A 55 8.80 23.32 34.82
CA VAL A 55 7.81 22.25 34.94
C VAL A 55 7.05 22.31 36.26
N GLY A 56 5.73 22.30 36.20
CA GLY A 56 4.90 22.31 37.38
C GLY A 56 4.70 23.68 38.01
N THR A 57 5.45 24.69 37.57
CA THR A 57 5.46 25.99 38.27
C THR A 57 4.35 26.92 37.82
N LYS A 58 3.82 26.70 36.62
CA LYS A 58 2.74 27.53 36.08
C LYS A 58 3.12 29.00 35.92
N SER A 59 4.41 29.25 35.81
CA SER A 59 4.94 30.60 35.76
C SER A 59 5.09 31.08 34.32
N GLY A 60 4.79 30.18 33.38
CA GLY A 60 4.93 30.49 31.96
C GLY A 60 6.00 29.66 31.30
N TYR A 61 5.95 29.59 29.98
CA TYR A 61 6.98 28.91 29.20
C TYR A 61 8.26 29.72 29.25
N ASP A 62 9.37 29.02 29.10
CA ASP A 62 10.69 29.63 29.08
C ASP A 62 10.89 30.24 27.72
N THR A 63 10.34 31.43 27.50
CA THR A 63 10.37 32.02 26.18
C THR A 63 11.77 32.49 25.80
N GLU A 64 12.61 32.79 26.80
CA GLU A 64 14.01 33.09 26.53
C GLU A 64 14.68 31.90 25.84
N MET A 65 14.49 30.71 26.41
CA MET A 65 15.01 29.47 25.83
C MET A 65 14.45 29.19 24.44
N ILE A 66 13.17 29.48 24.24
CA ILE A 66 12.57 29.22 22.94
C ILE A 66 13.14 30.16 21.87
N ARG A 67 13.27 31.44 22.20
CA ARG A 67 13.86 32.44 21.30
C ARG A 67 15.31 32.06 20.99
N PHE A 68 16.01 31.55 21.98
CA PHE A 68 17.39 31.12 21.83
C PHE A 68 17.51 30.01 20.78
N VAL A 69 16.59 29.07 20.83
CA VAL A 69 16.63 27.87 19.99
C VAL A 69 16.09 28.12 18.59
N ARG A 70 15.08 28.96 18.49
CA ARG A 70 14.33 29.16 17.23
C ARG A 70 15.19 29.41 15.97
N PRO A 71 16.18 30.33 16.03
CA PRO A 71 16.97 30.55 14.80
C PRO A 71 17.97 29.43 14.54
N LEU A 72 18.07 28.46 15.45
CA LEU A 72 19.04 27.38 15.27
C LEU A 72 18.52 26.27 14.38
N THR A 73 17.20 26.22 14.20
CA THR A 73 16.55 25.06 13.57
C THR A 73 15.33 25.45 12.74
N THR A 74 15.02 24.66 11.71
CA THR A 74 13.81 24.89 10.92
C THR A 74 12.72 23.92 11.34
N LEU A 75 12.98 23.11 12.37
CA LEU A 75 11.99 22.11 12.83
C LEU A 75 10.89 22.72 13.69
N PRO A 76 9.68 22.11 13.62
CA PRO A 76 8.63 22.52 14.56
C PRO A 76 9.11 22.34 15.99
N ILE A 77 8.83 23.30 16.85
CA ILE A 77 9.23 23.22 18.24
C ILE A 77 7.96 23.05 19.09
N ILE A 78 7.99 22.10 20.01
CA ILE A 78 6.91 22.01 20.99
C ILE A 78 7.45 22.62 22.27
N ALA A 79 6.84 23.72 22.70
CA ALA A 79 7.16 24.34 23.98
C ALA A 79 6.59 23.48 25.10
N SER A 80 7.41 23.23 26.12
CA SER A 80 6.99 22.37 27.20
C SER A 80 7.55 22.90 28.51
N GLY A 81 6.70 22.90 29.53
CA GLY A 81 7.11 23.22 30.89
C GLY A 81 6.64 24.60 31.31
N GLY A 82 5.74 24.66 32.29
CA GLY A 82 5.40 25.92 32.93
C GLY A 82 4.10 26.62 32.55
N ALA A 83 3.34 26.06 31.61
CA ALA A 83 2.11 26.72 31.15
C ALA A 83 1.12 26.81 32.30
N GLY A 84 0.49 27.98 32.46
CA GLY A 84 -0.43 28.19 33.57
C GLY A 84 -1.67 28.97 33.19
N LYS A 85 -1.60 29.75 32.11
CA LYS A 85 -2.76 30.47 31.64
C LYS A 85 -2.71 30.80 30.16
N MET A 86 -3.83 31.29 29.63
CA MET A 86 -3.94 31.62 28.20
C MET A 86 -2.82 32.45 27.62
N GLU A 87 -2.43 33.49 28.33
CA GLU A 87 -1.43 34.41 27.81
C GLU A 87 -0.07 33.74 27.65
N HIS A 88 0.15 32.66 28.41
CA HIS A 88 1.38 31.91 28.33
C HIS A 88 1.56 31.27 26.96
N PHE A 89 0.47 30.80 26.37
CA PHE A 89 0.56 30.14 25.09
C PHE A 89 0.89 31.11 23.97
N LEU A 90 0.25 32.27 24.01
CA LEU A 90 0.51 33.34 23.07
C LEU A 90 1.98 33.74 23.07
N GLU A 91 2.56 33.91 24.25
CA GLU A 91 3.98 34.25 24.39
C GLU A 91 4.89 33.18 23.78
N ALA A 92 4.52 31.91 23.99
CA ALA A 92 5.27 30.78 23.41
C ALA A 92 5.28 30.84 21.88
N PHE A 93 4.10 31.01 21.30
CA PHE A 93 4.02 31.16 19.85
C PHE A 93 4.80 32.37 19.32
N LEU A 94 4.72 33.48 20.04
CA LEU A 94 5.42 34.69 19.63
C LEU A 94 6.93 34.51 19.74
N ALA A 95 7.37 33.59 20.61
CA ALA A 95 8.80 33.29 20.76
C ALA A 95 9.30 32.31 19.69
N GLY A 96 8.37 31.70 18.99
CA GLY A 96 8.73 30.80 17.90
C GLY A 96 8.25 29.36 17.97
N ALA A 97 7.56 28.98 19.05
CA ALA A 97 7.02 27.61 19.14
C ALA A 97 5.99 27.35 18.05
N ASP A 98 5.91 26.10 17.62
CA ASP A 98 4.90 25.70 16.65
C ASP A 98 3.72 24.96 17.28
N LYS A 99 3.95 24.32 18.43
CA LYS A 99 2.87 23.73 19.25
C LYS A 99 3.20 23.96 20.71
N VAL A 100 2.23 23.71 21.56
CA VAL A 100 2.41 23.91 22.99
C VAL A 100 1.97 22.67 23.71
N SER A 101 2.72 22.34 24.76
CA SER A 101 2.48 21.16 25.55
C SER A 101 2.11 21.59 26.96
N ILE A 102 1.22 20.84 27.59
CA ILE A 102 0.80 21.20 28.93
C ILE A 102 0.46 19.95 29.75
N ASN A 103 0.79 19.98 31.04
CA ASN A 103 0.40 18.90 31.93
C ASN A 103 -0.24 19.44 33.20
N THR A 104 0.59 19.92 34.12
CA THR A 104 0.13 20.35 35.46
C THR A 104 -1.11 21.25 35.49
N ALA A 105 -1.10 22.37 34.76
CA ALA A 105 -2.24 23.29 34.82
C ALA A 105 -3.51 22.73 34.16
N ALA A 106 -3.33 21.81 33.21
CA ALA A 106 -4.46 21.16 32.55
C ALA A 106 -5.15 20.20 33.49
N VAL A 107 -4.35 19.43 34.23
CA VAL A 107 -4.92 18.55 35.24
C VAL A 107 -5.74 19.35 36.27
N GLU A 108 -5.16 20.45 36.73
CA GLU A 108 -5.82 21.29 37.73
C GLU A 108 -7.02 22.07 37.18
N ASN A 109 -6.98 22.37 35.88
CA ASN A 109 -8.04 23.12 35.25
C ASN A 109 -8.26 22.66 33.80
N PRO A 110 -9.01 21.58 33.60
CA PRO A 110 -9.17 21.01 32.25
C PRO A 110 -9.78 21.96 31.21
N SER A 111 -10.56 22.96 31.62
CA SER A 111 -11.14 23.89 30.65
C SER A 111 -10.07 24.76 29.97
N LEU A 112 -8.87 24.79 30.53
CA LEU A 112 -7.75 25.45 29.89
C LEU A 112 -7.43 24.80 28.50
N ILE A 113 -7.48 23.47 28.44
CA ILE A 113 -7.30 22.74 27.19
C ILE A 113 -8.23 23.27 26.13
N THR A 114 -9.51 23.36 26.50
CA THR A 114 -10.55 23.88 25.63
C THR A 114 -10.28 25.32 25.21
N GLN A 115 -9.89 26.16 26.15
CA GLN A 115 -9.57 27.55 25.83
C GLN A 115 -8.50 27.61 24.73
N ILE A 116 -7.45 26.81 24.85
CA ILE A 116 -6.34 26.81 23.89
C ILE A 116 -6.78 26.28 22.53
N ALA A 117 -7.50 25.16 22.57
CA ALA A 117 -7.95 24.53 21.33
C ALA A 117 -8.87 25.47 20.57
N GLN A 118 -9.76 26.17 21.29
CA GLN A 118 -10.75 27.04 20.63
C GLN A 118 -10.15 28.31 20.05
N THR A 119 -8.89 28.57 20.41
CA THR A 119 -8.17 29.68 19.83
C THR A 119 -7.04 29.32 18.84
N PHE A 120 -5.95 28.75 19.37
CA PHE A 120 -4.97 27.97 18.63
C PHE A 120 -5.72 26.67 18.56
N GLY A 121 -5.77 26.07 17.39
CA GLY A 121 -6.62 24.90 17.22
C GLY A 121 -6.38 23.79 18.24
N SER A 122 -6.78 22.58 17.87
CA SER A 122 -6.46 21.36 18.60
C SER A 122 -5.07 20.83 18.24
N GLN A 123 -4.72 20.86 16.95
CA GLN A 123 -3.46 20.28 16.48
C GLN A 123 -2.21 20.97 17.06
N ALA A 124 -2.39 22.15 17.61
CA ALA A 124 -1.29 22.94 18.14
C ALA A 124 -1.11 22.59 19.60
N VAL A 125 -2.11 21.87 20.12
CA VAL A 125 -2.16 21.56 21.55
C VAL A 125 -1.82 20.10 21.79
N VAL A 126 -0.76 19.90 22.56
CA VAL A 126 -0.34 18.57 22.96
C VAL A 126 -0.54 18.46 24.46
N VAL A 127 -1.33 17.51 24.90
CA VAL A 127 -1.46 17.33 26.34
C VAL A 127 -0.52 16.21 26.81
N ALA A 128 0.38 16.56 27.72
CA ALA A 128 1.34 15.62 28.20
C ALA A 128 0.75 14.85 29.37
N ILE A 129 0.62 13.54 29.20
CA ILE A 129 0.11 12.71 30.27
C ILE A 129 1.25 11.89 30.86
N VAL A 130 1.44 12.07 32.14
CA VAL A 130 2.55 11.51 32.84
C VAL A 130 1.99 10.52 33.87
N ALA A 131 2.22 9.24 33.65
CA ALA A 131 1.49 8.22 34.39
C ALA A 131 2.37 7.09 34.89
N LYS A 132 1.85 6.36 35.87
CA LYS A 132 2.49 5.13 36.34
C LYS A 132 1.49 4.21 37.05
N ARG A 133 1.89 2.95 37.21
CA ARG A 133 1.11 1.96 37.96
C ARG A 133 1.12 2.27 39.46
N VAL A 134 -0.07 2.32 40.04
CA VAL A 134 -0.18 2.50 41.47
C VAL A 134 -1.25 1.57 41.97
N ASP A 135 -0.84 0.58 42.77
CA ASP A 135 -1.78 -0.37 43.37
C ASP A 135 -2.61 -1.01 42.25
N GLY A 136 -1.94 -1.38 41.16
CA GLY A 136 -2.58 -2.10 40.06
C GLY A 136 -3.30 -1.26 39.01
N GLU A 137 -3.38 0.05 39.21
CA GLU A 137 -4.08 0.91 38.26
C GLU A 137 -3.17 2.02 37.73
N PHE A 138 -3.39 2.41 36.46
CA PHE A 138 -2.71 3.57 35.89
C PHE A 138 -3.30 4.89 36.41
N MET A 139 -2.43 5.67 37.02
CA MET A 139 -2.76 6.93 37.64
C MET A 139 -1.96 8.07 36.97
N VAL A 140 -2.53 9.27 37.04
CA VAL A 140 -1.98 10.47 36.44
C VAL A 140 -1.21 11.33 37.47
N PHE A 141 -0.06 11.87 37.06
CA PHE A 141 0.77 12.72 37.94
C PHE A 141 1.09 14.06 37.29
N THR A 142 1.26 15.08 38.12
CA THR A 142 1.67 16.40 37.67
C THR A 142 3.11 16.63 38.13
N HIS A 143 3.59 17.85 37.96
CA HIS A 143 4.96 18.24 38.32
C HIS A 143 5.97 17.19 37.89
N SER A 144 5.94 16.86 36.61
CA SER A 144 6.87 15.89 36.02
C SER A 144 6.84 14.49 36.66
N GLY A 145 5.72 14.12 37.27
CA GLY A 145 5.61 12.79 37.85
C GLY A 145 5.71 12.74 39.35
N LYS A 146 6.04 13.86 39.98
CA LYS A 146 6.32 13.87 41.41
C LYS A 146 5.09 14.10 42.30
N LYS A 147 3.99 14.54 41.71
CA LYS A 147 2.81 14.89 42.49
C LYS A 147 1.54 14.12 42.08
N ASN A 148 0.96 13.41 43.03
CA ASN A 148 -0.26 12.65 42.79
C ASN A 148 -1.49 13.53 42.54
N THR A 149 -2.51 12.96 41.90
CA THR A 149 -3.71 13.70 41.58
C THR A 149 -4.95 12.95 42.00
N GLY A 150 -4.85 11.64 42.09
CA GLY A 150 -6.00 10.82 42.40
C GLY A 150 -6.83 10.57 41.16
N ILE A 151 -6.29 10.93 39.99
CA ILE A 151 -7.03 10.74 38.75
C ILE A 151 -6.53 9.50 37.98
N LEU A 152 -7.48 8.68 37.53
CA LEU A 152 -7.19 7.48 36.75
C LEU A 152 -6.84 7.85 35.32
N LEU A 153 -5.85 7.16 34.76
CA LEU A 153 -5.43 7.36 33.38
C LEU A 153 -6.57 7.17 32.39
N ARG A 154 -7.44 6.19 32.63
CA ARG A 154 -8.53 5.93 31.68
C ARG A 154 -9.48 7.10 31.67
N ASP A 155 -9.77 7.65 32.85
CA ASP A 155 -10.59 8.84 32.96
C ASP A 155 -9.98 10.08 32.29
N TRP A 156 -8.69 10.31 32.53
CA TRP A 156 -8.04 11.53 32.05
C TRP A 156 -7.90 11.50 30.52
N VAL A 157 -7.52 10.36 29.97
CA VAL A 157 -7.44 10.24 28.52
C VAL A 157 -8.77 10.60 27.83
N VAL A 158 -9.87 10.05 28.34
CA VAL A 158 -11.17 10.36 27.80
C VAL A 158 -11.46 11.88 27.91
N GLU A 159 -11.23 12.44 29.09
CA GLU A 159 -11.43 13.88 29.31
C GLU A 159 -10.55 14.77 28.40
N VAL A 160 -9.28 14.43 28.28
CA VAL A 160 -8.36 15.22 27.45
C VAL A 160 -8.87 15.36 26.02
N GLU A 161 -9.26 14.25 25.39
CA GLU A 161 -9.87 14.33 24.06
C GLU A 161 -11.18 15.14 24.03
N LYS A 162 -12.03 14.90 25.03
CA LYS A 162 -13.29 15.63 25.15
C LYS A 162 -13.05 17.15 25.20
N ARG A 163 -12.01 17.58 25.90
CA ARG A 163 -11.75 19.00 26.06
C ARG A 163 -11.13 19.61 24.81
N GLY A 164 -10.69 18.78 23.88
CA GLY A 164 -10.24 19.25 22.59
C GLY A 164 -8.73 19.24 22.35
N ALA A 165 -7.98 18.37 23.02
CA ALA A 165 -6.55 18.26 22.69
C ALA A 165 -6.35 17.69 21.29
N GLY A 166 -5.16 17.90 20.73
CA GLY A 166 -4.88 17.36 19.41
C GLY A 166 -3.98 16.16 19.43
N GLU A 167 -3.10 16.06 20.43
CA GLU A 167 -2.13 14.97 20.53
C GLU A 167 -1.92 14.72 22.01
N ILE A 168 -1.61 13.48 22.34
CA ILE A 168 -1.24 13.09 23.69
C ILE A 168 0.22 12.64 23.72
N LEU A 169 0.98 13.20 24.65
CA LEU A 169 2.33 12.77 24.91
C LEU A 169 2.28 11.86 26.12
N LEU A 170 2.47 10.57 25.89
CA LEU A 170 2.18 9.58 26.92
C LEU A 170 3.46 9.05 27.49
N THR A 171 3.79 9.54 28.68
CA THR A 171 5.02 9.24 29.36
C THR A 171 4.82 8.27 30.53
N SER A 172 5.56 7.18 30.50
CA SER A 172 5.58 6.25 31.60
C SER A 172 6.69 6.70 32.53
N ILE A 173 6.30 7.27 33.68
CA ILE A 173 7.25 7.80 34.67
C ILE A 173 8.38 6.82 34.95
N ASP A 174 8.05 5.56 35.15
CA ASP A 174 9.03 4.55 35.54
C ASP A 174 10.00 4.11 34.43
N ARG A 175 9.77 4.51 33.18
CA ARG A 175 10.61 4.11 32.06
C ARG A 175 11.60 5.18 31.65
N VAL A 176 11.34 6.40 32.08
CA VAL A 176 12.11 7.54 31.60
C VAL A 176 13.59 7.37 31.91
N GLY A 177 14.42 7.47 30.88
CA GLY A 177 15.86 7.43 31.06
C GLY A 177 16.45 6.05 31.31
N THR A 178 15.61 5.02 31.35
CA THR A 178 16.11 3.67 31.63
C THR A 178 16.61 2.94 30.38
N LYS A 179 16.21 3.41 29.20
CA LYS A 179 16.57 2.78 27.93
C LYS A 179 16.13 1.33 27.86
N SER A 180 15.09 0.97 28.59
CA SER A 180 14.70 -0.42 28.68
C SER A 180 13.48 -0.73 27.83
N GLY A 181 13.01 0.25 27.06
CA GLY A 181 11.85 0.05 26.22
C GLY A 181 10.68 0.92 26.67
N TYR A 182 9.74 1.17 25.77
CA TYR A 182 8.54 1.92 26.12
C TYR A 182 7.60 1.03 26.93
N ASP A 183 6.72 1.67 27.69
CA ASP A 183 5.71 0.95 28.45
C ASP A 183 4.60 0.57 27.47
N THR A 184 4.77 -0.55 26.79
CA THR A 184 3.84 -0.88 25.73
C THR A 184 2.49 -1.30 26.28
N GLU A 185 2.46 -1.77 27.53
CA GLU A 185 1.18 -2.09 28.16
C GLU A 185 0.36 -0.83 28.48
N MET A 186 1.03 0.25 28.85
CA MET A 186 0.32 1.52 29.06
C MET A 186 -0.22 2.06 27.73
N ILE A 187 0.59 1.97 26.68
CA ILE A 187 0.18 2.42 25.36
C ILE A 187 -1.06 1.66 24.87
N ARG A 188 -1.00 0.33 24.96
CA ARG A 188 -2.09 -0.54 24.54
C ARG A 188 -3.35 -0.27 25.34
N PHE A 189 -3.15 0.08 26.61
CA PHE A 189 -4.25 0.41 27.48
C PHE A 189 -4.96 1.66 26.98
N VAL A 190 -4.16 2.64 26.59
CA VAL A 190 -4.66 3.96 26.18
C VAL A 190 -5.25 3.97 24.77
N ARG A 191 -4.69 3.15 23.88
CA ARG A 191 -5.06 3.18 22.46
C ARG A 191 -6.59 3.11 22.17
N PRO A 192 -7.33 2.18 22.79
CA PRO A 192 -8.76 2.14 22.43
C PRO A 192 -9.63 3.19 23.14
N LEU A 193 -9.02 4.03 23.96
CA LEU A 193 -9.73 5.09 24.68
C LEU A 193 -9.79 6.44 23.95
N THR A 194 -8.99 6.60 22.91
CA THR A 194 -8.92 7.88 22.23
C THR A 194 -8.64 7.69 20.74
N THR A 195 -9.03 8.65 19.93
CA THR A 195 -8.75 8.61 18.50
C THR A 195 -7.53 9.46 18.21
N LEU A 196 -6.99 10.07 19.27
CA LEU A 196 -5.95 11.06 19.11
C LEU A 196 -4.62 10.44 18.76
N PRO A 197 -3.75 11.20 18.09
CA PRO A 197 -2.37 10.72 17.90
C PRO A 197 -1.68 10.60 19.25
N ILE A 198 -1.10 9.43 19.50
CA ILE A 198 -0.33 9.19 20.72
C ILE A 198 1.18 9.22 20.44
N ILE A 199 1.89 10.05 21.19
CA ILE A 199 3.35 10.05 21.18
C ILE A 199 3.86 9.26 22.38
N ALA A 200 4.53 8.14 22.11
CA ALA A 200 5.16 7.32 23.12
C ALA A 200 6.39 8.02 23.67
N SER A 201 6.54 8.00 24.98
CA SER A 201 7.61 8.78 25.61
C SER A 201 8.18 8.04 26.82
N GLY A 202 9.51 7.93 26.85
CA GLY A 202 10.20 7.40 28.00
C GLY A 202 10.60 5.95 27.84
N GLY A 203 11.90 5.70 27.75
CA GLY A 203 12.43 4.35 27.74
C GLY A 203 13.06 3.81 26.46
N ALA A 204 12.96 4.54 25.35
CA ALA A 204 13.63 4.13 24.11
C ALA A 204 15.12 3.90 24.33
N GLY A 205 15.61 2.76 23.85
CA GLY A 205 17.00 2.36 23.96
C GLY A 205 17.55 1.84 22.65
N LYS A 206 16.68 1.28 21.80
CA LYS A 206 17.13 0.71 20.52
C LYS A 206 16.00 0.66 19.48
N MET A 207 16.36 0.39 18.21
CA MET A 207 15.39 0.40 17.08
C MET A 207 14.14 -0.46 17.29
N GLU A 208 14.29 -1.61 17.93
CA GLU A 208 13.17 -2.52 18.14
C GLU A 208 12.17 -1.94 19.13
N HIS A 209 12.64 -1.06 20.01
CA HIS A 209 11.75 -0.38 20.94
C HIS A 209 10.74 0.50 20.21
N PHE A 210 11.18 1.16 19.14
CA PHE A 210 10.29 2.02 18.37
C PHE A 210 9.25 1.15 17.70
N LEU A 211 9.70 -0.02 17.24
CA LEU A 211 8.82 -0.96 16.55
C LEU A 211 7.68 -1.40 17.47
N GLU A 212 8.04 -1.86 18.68
CA GLU A 212 7.05 -2.33 19.65
C GLU A 212 6.05 -1.22 20.03
N ALA A 213 6.53 0.02 20.07
CA ALA A 213 5.66 1.15 20.41
C ALA A 213 4.60 1.35 19.33
N PHE A 214 5.05 1.37 18.08
CA PHE A 214 4.13 1.45 16.96
C PHE A 214 3.13 0.31 16.98
N LEU A 215 3.63 -0.89 17.27
CA LEU A 215 2.79 -2.07 17.39
C LEU A 215 1.74 -1.97 18.50
N ALA A 216 2.09 -1.29 19.58
CA ALA A 216 1.18 -1.11 20.70
C ALA A 216 0.18 0.01 20.42
N GLY A 217 0.39 0.73 19.34
CA GLY A 217 -0.53 1.80 18.98
C GLY A 217 0.00 3.23 18.95
N ALA A 218 1.26 3.44 19.29
CA ALA A 218 1.81 4.79 19.17
C ALA A 218 1.80 5.27 17.72
N ASP A 219 1.48 6.54 17.52
CA ASP A 219 1.53 7.16 16.20
C ASP A 219 2.86 7.85 15.94
N LYS A 220 3.54 8.26 17.01
CA LYS A 220 4.85 8.87 16.95
C LYS A 220 5.63 8.41 18.15
N VAL A 221 6.94 8.53 18.08
CA VAL A 221 7.80 8.16 19.21
C VAL A 221 8.72 9.31 19.60
N SER A 222 8.94 9.45 20.90
CA SER A 222 9.81 10.46 21.46
C SER A 222 11.06 9.80 22.06
N ILE A 223 12.20 10.45 21.89
CA ILE A 223 13.45 9.95 22.42
C ILE A 223 14.31 11.07 22.97
N ASN A 224 14.83 10.87 24.18
CA ASN A 224 15.81 11.79 24.76
C ASN A 224 17.14 11.11 25.09
N THR A 225 17.18 10.37 26.20
CA THR A 225 18.44 9.79 26.71
C THR A 225 19.25 8.98 25.68
N ALA A 226 18.60 8.07 24.97
CA ALA A 226 19.35 7.18 24.09
C ALA A 226 19.89 7.92 22.87
N ALA A 227 19.18 8.97 22.46
CA ALA A 227 19.57 9.77 21.31
C ALA A 227 20.82 10.56 21.64
N VAL A 228 20.89 11.08 22.85
CA VAL A 228 22.06 11.84 23.24
C VAL A 228 23.29 10.93 23.25
N GLU A 229 23.11 9.70 23.69
CA GLU A 229 24.22 8.76 23.76
C GLU A 229 24.57 8.19 22.40
N ASN A 230 23.58 8.14 21.51
CA ASN A 230 23.78 7.59 20.17
C ASN A 230 22.97 8.36 19.14
N PRO A 231 23.49 9.52 18.70
CA PRO A 231 22.77 10.37 17.76
C PRO A 231 22.36 9.71 16.44
N SER A 232 23.08 8.68 16.01
CA SER A 232 22.78 8.01 14.76
C SER A 232 21.46 7.24 14.85
N LEU A 233 21.00 7.00 16.08
CA LEU A 233 19.72 6.34 16.33
C LEU A 233 18.59 7.20 15.77
N ILE A 234 18.76 8.52 15.85
CA ILE A 234 17.80 9.44 15.32
C ILE A 234 17.68 9.23 13.81
N THR A 235 18.82 9.09 13.16
CA THR A 235 18.85 8.90 11.71
C THR A 235 18.22 7.57 11.27
N GLN A 236 18.55 6.52 12.01
CA GLN A 236 18.06 5.19 11.72
C GLN A 236 16.53 5.16 11.78
N ILE A 237 15.96 5.71 12.85
CA ILE A 237 14.50 5.72 12.95
C ILE A 237 13.89 6.72 11.96
N ALA A 238 14.55 7.86 11.75
CA ALA A 238 14.07 8.83 10.77
C ALA A 238 14.02 8.24 9.35
N GLN A 239 15.09 7.54 8.98
CA GLN A 239 15.17 6.92 7.65
C GLN A 239 14.24 5.73 7.46
N THR A 240 13.61 5.30 8.54
CA THR A 240 12.75 4.12 8.55
C THR A 240 11.29 4.55 8.55
N PHE A 241 10.92 5.38 9.52
CA PHE A 241 9.64 6.07 9.50
C PHE A 241 9.85 7.58 9.35
N MET B 1 0.04 -23.78 23.17
CA MET B 1 -0.30 -22.61 22.37
C MET B 1 0.94 -22.09 21.63
N GLN B 2 2.05 -21.95 22.31
CA GLN B 2 3.28 -21.42 21.66
C GLN B 2 3.85 -22.31 20.53
N ARG B 3 3.27 -23.48 20.30
CA ARG B 3 3.78 -24.38 19.26
C ARG B 3 2.85 -24.46 18.05
N VAL B 4 1.71 -23.76 18.11
CA VAL B 4 0.69 -23.84 17.07
C VAL B 4 0.53 -22.54 16.31
N VAL B 5 0.73 -22.60 14.99
CA VAL B 5 0.38 -21.47 14.17
C VAL B 5 -0.80 -21.90 13.36
N VAL B 6 -1.82 -21.04 13.33
CA VAL B 6 -2.94 -21.27 12.45
C VAL B 6 -2.81 -20.34 11.25
N ALA B 7 -2.65 -20.95 10.08
CA ALA B 7 -2.60 -20.23 8.83
C ALA B 7 -4.01 -19.92 8.31
N ILE B 8 -4.29 -18.64 8.16
CA ILE B 8 -5.55 -18.20 7.63
C ILE B 8 -5.34 -17.57 6.26
N VAL B 9 -5.95 -18.16 5.24
CA VAL B 9 -5.89 -17.63 3.87
C VAL B 9 -7.20 -16.92 3.55
N ALA B 10 -7.13 -15.63 3.25
CA ALA B 10 -8.35 -14.84 3.09
C ALA B 10 -8.36 -13.98 1.85
N LYS B 11 -9.55 -13.55 1.47
CA LYS B 11 -9.78 -12.75 0.28
C LYS B 11 -11.04 -11.93 0.48
N ARG B 12 -11.04 -10.73 -0.10
CA ARG B 12 -12.23 -9.90 -0.18
C ARG B 12 -13.26 -10.53 -1.10
N VAL B 13 -14.48 -10.66 -0.61
CA VAL B 13 -15.58 -11.17 -1.43
C VAL B 13 -16.78 -10.24 -1.22
N ASP B 14 -17.13 -9.50 -2.27
CA ASP B 14 -18.01 -8.34 -2.20
C ASP B 14 -17.90 -7.57 -0.88
N GLY B 15 -16.74 -6.95 -0.66
CA GLY B 15 -16.53 -6.05 0.45
C GLY B 15 -16.15 -6.69 1.78
N GLU B 16 -16.20 -8.01 1.86
CA GLU B 16 -15.91 -8.70 3.12
C GLU B 16 -14.76 -9.68 3.02
N PHE B 17 -14.04 -9.82 4.13
CA PHE B 17 -12.97 -10.80 4.21
C PHE B 17 -13.56 -12.17 4.53
N MET B 18 -13.35 -13.09 3.59
CA MET B 18 -13.79 -14.47 3.70
C MET B 18 -12.58 -15.41 3.82
N VAL B 19 -12.78 -16.52 4.49
CA VAL B 19 -11.71 -17.49 4.72
C VAL B 19 -11.72 -18.56 3.63
N PHE B 20 -10.53 -18.94 3.17
CA PHE B 20 -10.36 -19.94 2.12
C PHE B 20 -9.48 -21.11 2.54
N THR B 21 -9.82 -22.30 2.06
CA THR B 21 -9.01 -23.51 2.33
C THR B 21 -8.53 -24.13 1.03
N HIS B 22 -7.75 -25.20 1.19
CA HIS B 22 -7.16 -25.95 0.08
C HIS B 22 -6.32 -25.06 -0.86
N SER B 23 -5.17 -24.59 -0.38
CA SER B 23 -4.32 -23.69 -1.15
C SER B 23 -5.12 -22.55 -1.81
N GLY B 24 -5.93 -21.88 -0.99
CA GLY B 24 -6.72 -20.73 -1.43
C GLY B 24 -7.72 -20.98 -2.54
N LYS B 25 -8.13 -22.24 -2.73
CA LYS B 25 -9.08 -22.57 -3.79
C LYS B 25 -10.56 -22.52 -3.37
N LYS B 26 -10.87 -23.06 -2.19
CA LYS B 26 -12.26 -23.23 -1.79
C LYS B 26 -12.77 -22.16 -0.82
N ASN B 27 -13.85 -21.49 -1.17
CA ASN B 27 -14.51 -20.54 -0.26
C ASN B 27 -15.29 -21.31 0.79
N THR B 28 -15.12 -20.94 2.06
CA THR B 28 -15.71 -21.67 3.18
C THR B 28 -16.99 -21.02 3.67
N GLY B 29 -17.24 -19.80 3.20
CA GLY B 29 -18.38 -19.05 3.71
C GLY B 29 -18.17 -18.48 5.11
N ILE B 30 -16.98 -18.66 5.68
CA ILE B 30 -16.69 -18.14 7.02
C ILE B 30 -15.99 -16.79 6.93
N LEU B 31 -16.48 -15.83 7.73
CA LEU B 31 -15.87 -14.51 7.77
C LEU B 31 -14.58 -14.56 8.53
N LEU B 32 -13.57 -13.86 8.02
CA LEU B 32 -12.28 -13.74 8.69
C LEU B 32 -12.45 -13.31 10.13
N ARG B 33 -13.33 -12.33 10.34
CA ARG B 33 -13.65 -11.83 11.67
C ARG B 33 -14.03 -12.93 12.64
N ASP B 34 -14.94 -13.80 12.22
CA ASP B 34 -15.45 -14.83 13.13
C ASP B 34 -14.44 -15.96 13.34
N TRP B 35 -13.67 -16.27 12.31
CA TRP B 35 -12.70 -17.36 12.37
C TRP B 35 -11.53 -17.01 13.29
N VAL B 36 -11.08 -15.77 13.20
CA VAL B 36 -9.99 -15.29 14.03
C VAL B 36 -10.36 -15.33 15.50
N VAL B 37 -11.56 -14.84 15.83
CA VAL B 37 -12.06 -14.94 17.20
C VAL B 37 -12.09 -16.40 17.66
N GLU B 38 -12.53 -17.30 16.78
CA GLU B 38 -12.57 -18.71 17.11
C GLU B 38 -11.17 -19.31 17.31
N VAL B 39 -10.26 -19.09 16.37
CA VAL B 39 -8.93 -19.71 16.51
C VAL B 39 -8.24 -19.30 17.82
N GLU B 40 -8.34 -18.04 18.21
CA GLU B 40 -7.80 -17.62 19.49
C GLU B 40 -8.44 -18.40 20.65
N LYS B 41 -9.76 -18.47 20.62
CA LYS B 41 -10.52 -19.14 21.67
C LYS B 41 -10.16 -20.63 21.73
N ARG B 42 -9.87 -21.22 20.56
CA ARG B 42 -9.50 -22.63 20.51
C ARG B 42 -8.11 -22.89 21.09
N GLY B 43 -7.27 -21.87 21.19
CA GLY B 43 -5.95 -22.01 21.77
C GLY B 43 -4.73 -21.86 20.85
N ALA B 44 -4.91 -21.32 19.64
CA ALA B 44 -3.76 -21.10 18.75
C ALA B 44 -2.78 -20.11 19.36
N GLY B 45 -1.50 -20.23 19.02
CA GLY B 45 -0.50 -19.32 19.58
C GLY B 45 -0.15 -18.16 18.66
N GLU B 46 -0.27 -18.38 17.36
CA GLU B 46 0.05 -17.35 16.38
C GLU B 46 -0.87 -17.51 15.20
N ILE B 47 -1.15 -16.42 14.52
CA ILE B 47 -1.88 -16.48 13.26
C ILE B 47 -0.98 -16.05 12.10
N LEU B 48 -0.88 -16.89 11.08
CA LEU B 48 -0.23 -16.50 9.84
C LEU B 48 -1.35 -16.04 8.92
N LEU B 49 -1.37 -14.74 8.65
CA LEU B 49 -2.46 -14.11 7.92
C LEU B 49 -2.05 -13.91 6.47
N THR B 50 -2.57 -14.75 5.59
CA THR B 50 -2.22 -14.64 4.17
C THR B 50 -3.34 -14.04 3.32
N SER B 51 -3.00 -12.98 2.60
CA SER B 51 -3.94 -12.35 1.69
C SER B 51 -3.72 -12.98 0.32
N ILE B 52 -4.64 -13.84 -0.10
CA ILE B 52 -4.44 -14.60 -1.33
C ILE B 52 -4.40 -13.68 -2.55
N ASP B 53 -5.10 -12.55 -2.43
CA ASP B 53 -5.02 -11.44 -3.38
C ASP B 53 -3.58 -10.99 -3.69
N ARG B 54 -2.71 -11.01 -2.68
CA ARG B 54 -1.42 -10.34 -2.81
C ARG B 54 -0.26 -11.27 -3.07
N VAL B 55 -0.42 -12.56 -2.77
CA VAL B 55 0.70 -13.51 -2.85
C VAL B 55 1.34 -13.57 -4.23
N GLY B 56 2.65 -13.39 -4.28
CA GLY B 56 3.39 -13.46 -5.52
C GLY B 56 3.46 -12.13 -6.27
N THR B 57 2.58 -11.20 -5.90
CA THR B 57 2.40 -9.97 -6.68
C THR B 57 3.45 -8.90 -6.38
N LYS B 58 4.12 -8.98 -5.23
CA LYS B 58 5.13 -7.98 -4.86
C LYS B 58 4.56 -6.56 -4.83
N SER B 59 3.26 -6.44 -4.55
CA SER B 59 2.63 -5.12 -4.54
C SER B 59 2.36 -4.57 -3.13
N GLY B 60 2.89 -5.22 -2.09
CA GLY B 60 2.68 -4.78 -0.72
C GLY B 60 1.72 -5.70 0.01
N TYR B 61 1.76 -5.65 1.34
CA TYR B 61 0.87 -6.48 2.14
C TYR B 61 -0.51 -5.86 2.12
N ASP B 62 -1.50 -6.69 2.43
CA ASP B 62 -2.88 -6.25 2.51
C ASP B 62 -3.05 -5.63 3.88
N THR B 63 -2.60 -4.39 4.02
CA THR B 63 -2.59 -3.73 5.33
C THR B 63 -4.01 -3.55 5.89
N GLU B 64 -5.00 -3.38 5.02
CA GLU B 64 -6.39 -3.27 5.48
C GLU B 64 -6.81 -4.53 6.19
N MET B 65 -6.43 -5.68 5.63
CA MET B 65 -6.72 -6.95 6.27
C MET B 65 -6.04 -7.04 7.64
N ILE B 66 -4.78 -6.64 7.70
CA ILE B 66 -4.03 -6.67 8.95
C ILE B 66 -4.69 -5.80 10.00
N ARG B 67 -5.05 -4.58 9.61
CA ARG B 67 -5.70 -3.63 10.52
C ARG B 67 -7.07 -4.13 10.94
N PHE B 68 -7.78 -4.79 10.03
CA PHE B 68 -9.07 -5.38 10.34
C PHE B 68 -8.95 -6.39 11.48
N VAL B 69 -7.92 -7.22 11.40
CA VAL B 69 -7.75 -8.34 12.30
C VAL B 69 -7.14 -7.95 13.64
N ARG B 70 -6.27 -6.96 13.64
CA ARG B 70 -5.51 -6.56 14.83
C ARG B 70 -6.31 -6.35 16.13
N PRO B 71 -7.41 -5.58 16.08
CA PRO B 71 -8.16 -5.37 17.33
C PRO B 71 -8.94 -6.60 17.77
N LEU B 72 -9.21 -7.49 16.81
CA LEU B 72 -9.93 -8.73 17.08
C LEU B 72 -9.16 -9.73 17.90
N THR B 73 -7.83 -9.60 17.94
CA THR B 73 -7.03 -10.66 18.54
C THR B 73 -5.87 -10.13 19.36
N THR B 74 -5.46 -10.91 20.36
CA THR B 74 -4.26 -10.59 21.14
C THR B 74 -3.08 -11.44 20.70
N LEU B 75 -3.29 -12.32 19.72
CA LEU B 75 -2.23 -13.19 19.26
C LEU B 75 -1.23 -12.42 18.42
N PRO B 76 0.02 -12.90 18.37
CA PRO B 76 0.96 -12.32 17.40
C PRO B 76 0.47 -12.65 15.99
N ILE B 77 0.52 -11.66 15.10
CA ILE B 77 0.11 -11.84 13.71
C ILE B 77 1.33 -11.81 12.78
N ILE B 78 1.42 -12.81 11.91
CA ILE B 78 2.43 -12.81 10.84
C ILE B 78 1.80 -12.42 9.51
N ALA B 79 2.16 -11.23 9.01
CA ALA B 79 1.73 -10.75 7.71
C ALA B 79 2.33 -11.57 6.58
N SER B 80 1.48 -12.00 5.67
CA SER B 80 1.91 -12.85 4.57
C SER B 80 1.21 -12.53 3.25
N GLY B 81 2.01 -12.43 2.20
CA GLY B 81 1.52 -12.18 0.86
C GLY B 81 1.78 -10.75 0.41
N GLY B 82 2.55 -10.57 -0.65
CA GLY B 82 2.65 -9.27 -1.30
C GLY B 82 3.95 -8.49 -1.11
N ALA B 83 4.82 -8.93 -0.20
CA ALA B 83 6.00 -8.16 0.13
C ALA B 83 6.91 -7.99 -1.09
N GLY B 84 7.26 -6.75 -1.41
CA GLY B 84 8.06 -6.46 -2.58
C GLY B 84 9.23 -5.54 -2.32
N LYS B 85 9.15 -4.75 -1.26
CA LYS B 85 10.23 -3.82 -0.92
C LYS B 85 10.22 -3.46 0.56
N MET B 86 11.29 -2.81 0.98
CA MET B 86 11.51 -2.42 2.36
C MET B 86 10.30 -1.73 2.99
N GLU B 87 9.70 -0.81 2.25
CA GLU B 87 8.57 -0.01 2.71
C GLU B 87 7.35 -0.85 3.05
N HIS B 88 7.21 -1.97 2.34
CA HIS B 88 6.09 -2.85 2.55
C HIS B 88 6.10 -3.40 3.97
N PHE B 89 7.27 -3.85 4.42
CA PHE B 89 7.43 -4.40 5.78
C PHE B 89 7.00 -3.42 6.86
N LEU B 90 7.49 -2.19 6.73
CA LEU B 90 7.18 -1.12 7.67
C LEU B 90 5.69 -0.76 7.70
N GLU B 91 5.04 -0.83 6.55
CA GLU B 91 3.61 -0.62 6.46
C GLU B 91 2.84 -1.70 7.25
N ALA B 92 3.29 -2.95 7.15
CA ALA B 92 2.66 -4.06 7.87
C ALA B 92 2.86 -4.00 9.38
N PHE B 93 4.09 -3.69 9.80
CA PHE B 93 4.32 -3.45 11.23
C PHE B 93 3.38 -2.36 11.78
N LEU B 94 3.26 -1.26 11.07
CA LEU B 94 2.40 -0.15 11.52
C LEU B 94 0.91 -0.53 11.49
N ALA B 95 0.54 -1.42 10.59
CA ALA B 95 -0.84 -1.91 10.51
C ALA B 95 -1.10 -2.94 11.61
N GLY B 96 -0.04 -3.33 12.33
CA GLY B 96 -0.21 -4.16 13.52
C GLY B 96 0.35 -5.56 13.46
N ALA B 97 1.02 -5.92 12.36
CA ALA B 97 1.65 -7.24 12.25
C ALA B 97 2.86 -7.33 13.14
N ASP B 98 2.95 -8.39 13.92
CA ASP B 98 4.07 -8.59 14.83
C ASP B 98 5.31 -9.13 14.12
N LYS B 99 5.09 -9.81 13.00
CA LYS B 99 6.17 -10.41 12.23
C LYS B 99 5.76 -10.30 10.78
N VAL B 100 6.73 -10.39 9.88
CA VAL B 100 6.44 -10.29 8.48
C VAL B 100 6.95 -11.54 7.76
N SER B 101 6.20 -11.99 6.77
CA SER B 101 6.60 -13.16 6.02
C SER B 101 6.91 -12.75 4.59
N ILE B 102 7.85 -13.44 3.94
CA ILE B 102 8.16 -13.15 2.54
C ILE B 102 8.64 -14.40 1.83
N ASN B 103 8.29 -14.55 0.55
CA ASN B 103 8.83 -15.64 -0.25
C ASN B 103 9.37 -15.11 -1.57
N THR B 104 8.43 -14.80 -2.48
CA THR B 104 8.76 -14.46 -3.86
C THR B 104 9.86 -13.40 -4.00
N ALA B 105 9.66 -12.27 -3.33
CA ALA B 105 10.53 -11.14 -3.55
C ALA B 105 11.90 -11.42 -2.95
N ALA B 106 11.92 -12.33 -1.98
CA ALA B 106 13.13 -12.59 -1.24
C ALA B 106 14.01 -13.55 -2.06
N VAL B 107 13.39 -14.52 -2.71
CA VAL B 107 14.11 -15.36 -3.67
C VAL B 107 14.74 -14.53 -4.79
N GLU B 108 14.04 -13.49 -5.23
CA GLU B 108 14.54 -12.63 -6.29
C GLU B 108 15.61 -11.67 -5.79
N ASN B 109 15.47 -11.22 -4.55
CA ASN B 109 16.46 -10.35 -3.95
C ASN B 109 16.66 -10.63 -2.44
N PRO B 110 17.52 -11.60 -2.10
CA PRO B 110 17.70 -12.02 -0.70
C PRO B 110 18.18 -10.91 0.21
N SER B 111 18.72 -9.84 -0.38
CA SER B 111 19.15 -8.66 0.39
C SER B 111 17.98 -7.96 1.07
N LEU B 112 16.77 -8.11 0.51
CA LEU B 112 15.58 -7.60 1.19
C LEU B 112 15.46 -8.12 2.63
N ILE B 113 15.76 -9.41 2.82
CA ILE B 113 15.72 -10.01 4.17
C ILE B 113 16.70 -9.28 5.10
N THR B 114 17.97 -9.23 4.69
CA THR B 114 18.98 -8.57 5.49
C THR B 114 18.61 -7.13 5.82
N GLN B 115 18.03 -6.43 4.84
CA GLN B 115 17.66 -5.03 5.05
C GLN B 115 16.72 -4.87 6.23
N ILE B 116 15.65 -5.65 6.26
CA ILE B 116 14.67 -5.49 7.32
C ILE B 116 15.25 -6.01 8.63
N ALA B 117 15.97 -7.12 8.57
CA ALA B 117 16.49 -7.79 9.76
C ALA B 117 17.55 -6.96 10.47
N GLN B 118 18.39 -6.28 9.70
CA GLN B 118 19.41 -5.43 10.30
C GLN B 118 18.83 -4.15 10.88
N THR B 119 17.68 -3.72 10.36
CA THR B 119 17.02 -2.53 10.87
C THR B 119 16.60 -2.73 12.33
N PHE B 120 15.61 -3.59 12.56
CA PHE B 120 15.11 -3.83 13.90
C PHE B 120 15.70 -5.11 14.48
N GLY B 121 15.00 -6.22 14.27
CA GLY B 121 15.42 -7.51 14.78
C GLY B 121 15.22 -8.68 13.82
N SER B 122 16.15 -9.63 13.85
CA SER B 122 16.09 -10.84 13.04
C SER B 122 14.79 -11.61 13.29
N GLN B 123 14.43 -11.72 14.57
CA GLN B 123 13.37 -12.60 15.05
C GLN B 123 11.98 -12.31 14.48
N ALA B 124 11.78 -11.11 13.92
CA ALA B 124 10.47 -10.76 13.39
C ALA B 124 10.33 -11.03 11.89
N VAL B 125 11.40 -11.50 11.24
CA VAL B 125 11.33 -11.85 9.82
C VAL B 125 11.13 -13.35 9.62
N VAL B 126 10.01 -13.71 9.01
CA VAL B 126 9.74 -15.11 8.70
C VAL B 126 9.97 -15.27 7.21
N VAL B 127 10.80 -16.24 6.83
CA VAL B 127 10.97 -16.55 5.43
C VAL B 127 10.16 -17.78 5.08
N ALA B 128 9.20 -17.61 4.17
CA ALA B 128 8.37 -18.72 3.73
C ALA B 128 9.06 -19.41 2.58
N ILE B 129 9.47 -20.66 2.80
CA ILE B 129 10.04 -21.45 1.72
C ILE B 129 9.04 -22.52 1.25
N VAL B 130 8.70 -22.45 -0.04
CA VAL B 130 7.74 -23.36 -0.64
C VAL B 130 8.49 -24.26 -1.59
N ALA B 131 8.47 -25.56 -1.31
CA ALA B 131 9.35 -26.48 -2.01
C ALA B 131 8.64 -27.73 -2.49
N LYS B 132 9.25 -28.39 -3.47
CA LYS B 132 8.77 -29.70 -3.87
C LYS B 132 9.81 -30.51 -4.65
N ARG B 133 9.54 -31.80 -4.80
CA ARG B 133 10.45 -32.70 -5.47
C ARG B 133 10.33 -32.50 -6.97
N VAL B 134 11.47 -32.21 -7.60
CA VAL B 134 11.51 -32.02 -9.04
C VAL B 134 12.82 -32.63 -9.49
N ASP B 135 12.74 -33.58 -10.43
CA ASP B 135 13.94 -34.20 -10.97
C ASP B 135 14.81 -34.83 -9.88
N GLY B 136 14.18 -35.37 -8.84
CA GLY B 136 14.89 -36.00 -7.74
C GLY B 136 15.49 -35.08 -6.70
N GLU B 137 15.27 -33.78 -6.86
CA GLU B 137 15.76 -32.80 -5.91
C GLU B 137 14.59 -32.03 -5.32
N PHE B 138 14.76 -31.57 -4.08
CA PHE B 138 13.88 -30.55 -3.52
C PHE B 138 14.25 -29.22 -4.15
N MET B 139 13.29 -28.58 -4.82
CA MET B 139 13.52 -27.29 -5.46
C MET B 139 12.63 -26.22 -4.86
N VAL B 140 13.06 -24.97 -4.96
CA VAL B 140 12.35 -23.81 -4.42
C VAL B 140 11.34 -23.18 -5.38
N PHE B 141 10.12 -22.95 -4.89
CA PHE B 141 9.08 -22.34 -5.74
C PHE B 141 8.61 -21.00 -5.19
N THR B 142 8.35 -20.06 -6.10
CA THR B 142 7.73 -18.78 -5.73
C THR B 142 6.35 -18.62 -6.37
N HIS B 143 5.76 -17.44 -6.20
CA HIS B 143 4.40 -17.13 -6.66
C HIS B 143 3.39 -18.18 -6.20
N SER B 144 3.27 -18.36 -4.88
CA SER B 144 2.38 -19.35 -4.27
C SER B 144 2.47 -20.75 -4.88
N GLY B 145 3.66 -21.11 -5.36
CA GLY B 145 3.90 -22.47 -5.80
C GLY B 145 3.86 -22.67 -7.31
N LYS B 146 3.63 -21.60 -8.05
CA LYS B 146 3.42 -21.72 -9.49
C LYS B 146 4.71 -21.60 -10.29
N LYS B 147 5.77 -21.11 -9.66
CA LYS B 147 7.03 -20.88 -10.38
C LYS B 147 8.22 -21.66 -9.83
N ASN B 148 8.80 -22.53 -10.64
CA ASN B 148 10.04 -23.21 -10.32
C ASN B 148 11.21 -22.25 -10.56
N THR B 149 12.03 -22.05 -9.54
CA THR B 149 13.13 -21.10 -9.63
C THR B 149 14.39 -21.73 -10.21
N GLY B 150 14.45 -23.06 -10.18
CA GLY B 150 15.68 -23.76 -10.50
C GLY B 150 16.68 -23.70 -9.36
N ILE B 151 16.21 -23.27 -8.20
CA ILE B 151 17.06 -23.11 -7.03
C ILE B 151 16.81 -24.27 -6.08
N LEU B 152 17.91 -24.84 -5.59
CA LEU B 152 17.84 -25.99 -4.71
C LEU B 152 17.47 -25.54 -3.32
N LEU B 153 16.57 -26.31 -2.69
CA LEU B 153 16.16 -26.05 -1.32
C LEU B 153 17.37 -25.95 -0.42
N ARG B 154 18.29 -26.89 -0.61
CA ARG B 154 19.52 -26.97 0.18
C ARG B 154 20.28 -25.65 0.19
N ASP B 155 20.42 -25.04 -0.98
CA ASP B 155 21.16 -23.79 -1.10
C ASP B 155 20.41 -22.60 -0.51
N TRP B 156 19.09 -22.58 -0.74
CA TRP B 156 18.27 -21.44 -0.30
C TRP B 156 18.18 -21.36 1.21
N VAL B 157 18.02 -22.51 1.85
CA VAL B 157 17.92 -22.59 3.31
C VAL B 157 19.14 -21.98 4.00
N VAL B 158 20.31 -22.44 3.58
CA VAL B 158 21.57 -21.87 4.01
C VAL B 158 21.60 -20.36 3.78
N GLU B 159 21.34 -19.94 2.54
CA GLU B 159 21.35 -18.51 2.21
C GLU B 159 20.41 -17.72 3.13
N VAL B 160 19.22 -18.26 3.34
CA VAL B 160 18.19 -17.61 4.13
C VAL B 160 18.65 -17.29 5.55
N GLU B 161 19.24 -18.28 6.22
CA GLU B 161 19.77 -18.04 7.55
C GLU B 161 20.86 -16.96 7.56
N LYS B 162 21.79 -17.01 6.60
CA LYS B 162 22.88 -16.02 6.57
C LYS B 162 22.35 -14.60 6.33
N ARG B 163 21.21 -14.48 5.67
CA ARG B 163 20.60 -13.17 5.44
C ARG B 163 20.05 -12.52 6.70
N GLY B 164 19.75 -13.32 7.73
CA GLY B 164 19.22 -12.79 8.97
C GLY B 164 17.76 -13.12 9.28
N ALA B 165 17.19 -14.15 8.65
CA ALA B 165 15.83 -14.57 9.01
C ALA B 165 15.83 -15.09 10.43
N GLY B 166 14.70 -14.96 11.11
CA GLY B 166 14.54 -15.46 12.47
C GLY B 166 13.78 -16.76 12.52
N GLU B 167 13.01 -17.06 11.47
CA GLU B 167 12.26 -18.32 11.37
C GLU B 167 12.04 -18.68 9.90
N ILE B 168 11.89 -19.97 9.63
CA ILE B 168 11.58 -20.44 8.30
C ILE B 168 10.22 -21.10 8.33
N LEU B 169 9.33 -20.66 7.47
CA LEU B 169 8.04 -21.33 7.27
C LEU B 169 8.26 -22.35 6.15
N LEU B 170 8.22 -23.63 6.48
CA LEU B 170 8.62 -24.63 5.50
C LEU B 170 7.41 -25.40 4.99
N THR B 171 7.02 -25.05 3.76
CA THR B 171 5.81 -25.55 3.13
C THR B 171 6.12 -26.58 2.04
N SER B 172 5.54 -27.77 2.17
CA SER B 172 5.59 -28.75 1.09
C SER B 172 4.34 -28.62 0.22
N ILE B 173 4.54 -28.05 -0.97
CA ILE B 173 3.47 -27.78 -1.92
C ILE B 173 2.52 -28.97 -2.08
N ASP B 174 3.10 -30.12 -2.43
CA ASP B 174 2.37 -31.34 -2.72
C ASP B 174 1.48 -31.83 -1.59
N ARG B 175 1.73 -31.36 -0.37
CA ARG B 175 0.99 -31.84 0.78
C ARG B 175 -0.13 -30.90 1.18
N VAL B 176 -0.04 -29.64 0.77
CA VAL B 176 -1.02 -28.62 1.13
C VAL B 176 -2.46 -29.03 0.81
N GLY B 177 -3.32 -29.04 1.83
CA GLY B 177 -4.72 -29.35 1.61
C GLY B 177 -5.06 -30.83 1.62
N THR B 178 -4.03 -31.69 1.63
CA THR B 178 -4.23 -33.14 1.51
C THR B 178 -4.59 -33.86 2.81
N LYS B 179 -4.32 -33.23 3.95
CA LYS B 179 -4.51 -33.87 5.26
C LYS B 179 -3.81 -35.23 5.36
N SER B 180 -2.70 -35.41 4.63
CA SER B 180 -2.02 -36.71 4.60
C SER B 180 -0.82 -36.74 5.54
N GLY B 181 -0.55 -35.62 6.20
CA GLY B 181 0.54 -35.53 7.13
C GLY B 181 1.64 -34.65 6.57
N TYR B 182 2.43 -34.06 7.46
CA TYR B 182 3.54 -33.21 7.03
C TYR B 182 4.57 -33.97 6.20
N ASP B 183 5.30 -33.26 5.37
CA ASP B 183 6.38 -33.87 4.60
C ASP B 183 7.58 -34.02 5.51
N THR B 184 7.59 -35.08 6.32
CA THR B 184 8.64 -35.22 7.33
C THR B 184 10.02 -35.48 6.73
N GLU B 185 10.09 -35.99 5.50
CA GLU B 185 11.38 -36.18 4.85
C GLU B 185 11.97 -34.82 4.48
N MET B 186 11.12 -33.90 4.04
CA MET B 186 11.59 -32.56 3.78
C MET B 186 11.98 -31.84 5.07
N ILE B 187 11.26 -32.07 6.15
CA ILE B 187 11.65 -31.46 7.44
C ILE B 187 13.02 -31.98 7.89
N ARG B 188 13.20 -33.30 7.91
CA ARG B 188 14.47 -33.91 8.26
C ARG B 188 15.63 -33.45 7.36
N PHE B 189 15.35 -33.24 6.08
CA PHE B 189 16.37 -32.79 5.13
C PHE B 189 16.83 -31.39 5.51
N VAL B 190 15.87 -30.51 5.73
CA VAL B 190 16.12 -29.11 6.05
C VAL B 190 16.80 -28.91 7.42
N ARG B 191 16.35 -29.68 8.41
CA ARG B 191 16.75 -29.48 9.80
C ARG B 191 18.26 -29.30 10.09
N PRO B 192 19.13 -30.22 9.62
CA PRO B 192 20.57 -30.03 9.91
C PRO B 192 21.21 -28.89 9.12
N LEU B 193 20.45 -28.22 8.24
CA LEU B 193 21.00 -27.14 7.43
C LEU B 193 20.85 -25.76 8.09
N THR B 194 20.08 -25.68 9.18
CA THR B 194 19.77 -24.40 9.79
C THR B 194 19.63 -24.44 11.32
N THR B 195 19.89 -23.32 11.97
CA THR B 195 19.73 -23.23 13.42
C THR B 195 18.37 -22.61 13.77
N LEU B 196 17.61 -22.25 12.74
CA LEU B 196 16.43 -21.44 12.96
C LEU B 196 15.24 -22.29 13.34
N PRO B 197 14.26 -21.68 14.01
CA PRO B 197 12.96 -22.32 14.21
C PRO B 197 12.35 -22.66 12.85
N ILE B 198 11.87 -23.90 12.71
CA ILE B 198 11.20 -24.31 11.50
C ILE B 198 9.73 -24.48 11.85
N ILE B 199 8.86 -23.80 11.11
CA ILE B 199 7.42 -24.04 11.20
C ILE B 199 7.01 -25.01 10.08
N ALA B 200 6.56 -26.21 10.45
CA ALA B 200 6.13 -27.19 9.45
C ALA B 200 4.78 -26.80 8.88
N SER B 201 4.66 -26.86 7.55
CA SER B 201 3.46 -26.39 6.89
C SER B 201 3.06 -27.27 5.74
N GLY B 202 1.77 -27.59 5.68
CA GLY B 202 1.26 -28.39 4.58
C GLY B 202 1.02 -29.83 4.97
N GLY B 203 -0.26 -30.22 5.00
CA GLY B 203 -0.64 -31.61 5.10
C GLY B 203 -1.15 -32.10 6.43
N ALA B 204 -1.15 -31.25 7.44
CA ALA B 204 -1.61 -31.68 8.76
C ALA B 204 -3.07 -32.13 8.67
N GLY B 205 -3.40 -33.21 9.37
CA GLY B 205 -4.74 -33.75 9.31
C GLY B 205 -5.17 -34.40 10.61
N LYS B 206 -4.21 -34.88 11.38
CA LYS B 206 -4.51 -35.52 12.67
C LYS B 206 -3.36 -35.41 13.68
N MET B 207 -3.66 -35.70 14.93
CA MET B 207 -2.72 -35.47 16.04
C MET B 207 -1.36 -36.10 15.84
N GLU B 208 -1.36 -37.34 15.35
CA GLU B 208 -0.13 -38.08 15.04
C GLU B 208 0.81 -37.28 14.14
N HIS B 209 0.24 -36.56 13.18
CA HIS B 209 1.02 -35.75 12.25
C HIS B 209 1.90 -34.74 12.98
N PHE B 210 1.38 -34.16 14.05
CA PHE B 210 2.12 -33.11 14.74
C PHE B 210 3.31 -33.68 15.47
N LEU B 211 3.12 -34.82 16.14
CA LEU B 211 4.22 -35.48 16.82
C LEU B 211 5.33 -35.86 15.83
N GLU B 212 4.96 -36.43 14.69
CA GLU B 212 5.92 -36.75 13.64
C GLU B 212 6.71 -35.52 13.18
N ALA B 213 6.02 -34.40 13.01
CA ALA B 213 6.68 -33.14 12.66
C ALA B 213 7.74 -32.71 13.68
N PHE B 214 7.37 -32.77 14.96
CA PHE B 214 8.29 -32.39 16.04
C PHE B 214 9.51 -33.31 16.12
N LEU B 215 9.27 -34.61 16.10
CA LEU B 215 10.37 -35.58 16.11
C LEU B 215 11.27 -35.42 14.88
N ALA B 216 10.67 -35.00 13.77
CA ALA B 216 11.44 -34.76 12.54
C ALA B 216 12.27 -33.49 12.63
N GLY B 217 11.97 -32.63 13.60
CA GLY B 217 12.79 -31.46 13.86
C GLY B 217 12.08 -30.11 13.78
N ALA B 218 10.76 -30.12 13.64
CA ALA B 218 10.00 -28.88 13.57
C ALA B 218 9.89 -28.26 14.96
N ASP B 219 9.92 -26.93 15.00
CA ASP B 219 9.77 -26.20 16.25
C ASP B 219 8.33 -25.79 16.49
N LYS B 220 7.58 -25.59 15.42
CA LYS B 220 6.20 -25.22 15.51
C LYS B 220 5.50 -25.92 14.38
N VAL B 221 4.19 -26.01 14.47
CA VAL B 221 3.42 -26.61 13.41
C VAL B 221 2.37 -25.62 12.92
N SER B 222 2.15 -25.65 11.61
CA SER B 222 1.16 -24.77 11.01
C SER B 222 0.01 -25.59 10.46
N ILE B 223 -1.19 -25.05 10.61
CA ILE B 223 -2.38 -25.74 10.15
C ILE B 223 -3.40 -24.79 9.54
N ASN B 224 -3.96 -25.17 8.40
CA ASN B 224 -5.07 -24.43 7.82
C ASN B 224 -6.31 -25.32 7.53
N THR B 225 -6.24 -26.11 6.46
CA THR B 225 -7.39 -26.89 6.01
C THR B 225 -8.06 -27.72 7.12
N ALA B 226 -7.26 -28.47 7.86
CA ALA B 226 -7.79 -29.32 8.90
C ALA B 226 -8.41 -28.53 10.05
N ALA B 227 -7.88 -27.33 10.32
CA ALA B 227 -8.45 -26.48 11.36
C ALA B 227 -9.84 -26.00 10.99
N VAL B 228 -9.98 -25.45 9.80
CA VAL B 228 -11.30 -24.99 9.33
C VAL B 228 -12.32 -26.14 9.38
N GLU B 229 -11.91 -27.30 8.88
CA GLU B 229 -12.79 -28.47 8.86
C GLU B 229 -13.11 -28.98 10.26
N ASN B 230 -12.10 -28.95 11.12
CA ASN B 230 -12.27 -29.43 12.48
C ASN B 230 -11.54 -28.56 13.49
N PRO B 231 -12.21 -27.50 13.97
CA PRO B 231 -11.56 -26.53 14.85
C PRO B 231 -11.04 -27.13 16.17
N SER B 232 -11.69 -28.18 16.68
CA SER B 232 -11.25 -28.74 17.97
C SER B 232 -9.83 -29.32 17.86
N LEU B 233 -9.42 -29.63 16.64
CA LEU B 233 -8.06 -30.05 16.41
C LEU B 233 -7.05 -29.01 16.94
N ILE B 234 -7.32 -27.74 16.69
CA ILE B 234 -6.51 -26.66 17.25
C ILE B 234 -6.37 -26.84 18.76
N THR B 235 -7.48 -27.22 19.41
CA THR B 235 -7.51 -27.36 20.88
C THR B 235 -6.66 -28.55 21.34
N GLN B 236 -6.81 -29.67 20.63
CA GLN B 236 -5.99 -30.84 20.88
C GLN B 236 -4.49 -30.55 20.93
N ILE B 237 -3.97 -29.87 19.92
CA ILE B 237 -2.53 -29.58 19.84
C ILE B 237 -2.11 -28.57 20.90
N ALA B 238 -2.91 -27.53 21.08
CA ALA B 238 -2.58 -26.50 22.05
C ALA B 238 -2.55 -27.04 23.49
N GLN B 239 -3.45 -27.97 23.80
CA GLN B 239 -3.48 -28.59 25.13
C GLN B 239 -2.46 -29.71 25.25
N THR B 240 -1.72 -29.93 24.17
CA THR B 240 -0.74 -30.99 24.14
C THR B 240 0.70 -30.44 24.11
N PHE B 241 0.96 -29.42 23.30
CA PHE B 241 2.32 -28.88 23.19
C PHE B 241 2.45 -27.41 23.58
N MET C 1 -21.20 18.39 -14.23
CA MET C 1 -20.44 17.35 -13.50
C MET C 1 -18.95 17.46 -13.84
N GLN C 2 -18.67 17.57 -15.13
CA GLN C 2 -17.30 17.72 -15.62
C GLN C 2 -16.57 18.90 -14.99
N ARG C 3 -17.31 19.84 -14.43
CA ARG C 3 -16.74 21.06 -13.87
C ARG C 3 -16.40 20.90 -12.38
N VAL C 4 -16.91 19.83 -11.76
CA VAL C 4 -16.85 19.63 -10.32
C VAL C 4 -15.88 18.54 -9.86
N VAL C 5 -14.95 18.93 -9.01
CA VAL C 5 -14.06 17.99 -8.36
C VAL C 5 -14.37 18.04 -6.88
N VAL C 6 -14.63 16.89 -6.27
CA VAL C 6 -14.80 16.87 -4.81
C VAL C 6 -13.52 16.38 -4.20
N ALA C 7 -12.99 17.18 -3.28
CA ALA C 7 -11.78 16.83 -2.55
C ALA C 7 -12.15 16.04 -1.33
N ILE C 8 -11.68 14.79 -1.28
CA ILE C 8 -11.84 13.97 -0.09
C ILE C 8 -10.49 13.75 0.59
N VAL C 9 -10.38 14.32 1.78
CA VAL C 9 -9.23 14.23 2.66
C VAL C 9 -9.52 13.21 3.75
N ALA C 10 -8.78 12.12 3.73
CA ALA C 10 -9.08 11.01 4.61
C ALA C 10 -7.88 10.60 5.46
N LYS C 11 -8.18 9.90 6.53
CA LYS C 11 -7.17 9.38 7.43
C LYS C 11 -7.72 8.16 8.14
N ARG C 12 -6.83 7.23 8.48
CA ARG C 12 -7.17 6.10 9.33
C ARG C 12 -7.38 6.58 10.77
N VAL C 13 -8.53 6.27 11.32
CA VAL C 13 -8.85 6.57 12.71
C VAL C 13 -9.61 5.37 13.25
N ASP C 14 -9.06 4.75 14.29
CA ASP C 14 -9.72 3.66 15.01
C ASP C 14 -10.23 2.56 14.09
N GLY C 15 -9.39 2.11 13.17
CA GLY C 15 -9.74 1.01 12.28
C GLY C 15 -10.43 1.43 10.99
N GLU C 16 -10.91 2.67 10.93
CA GLU C 16 -11.71 3.11 9.79
C GLU C 16 -11.01 4.20 8.98
N PHE C 17 -11.38 4.31 7.69
CA PHE C 17 -11.04 5.48 6.92
C PHE C 17 -12.10 6.55 7.21
N MET C 18 -11.64 7.73 7.59
CA MET C 18 -12.54 8.82 7.95
C MET C 18 -12.33 10.09 7.16
N VAL C 19 -13.42 10.82 6.94
CA VAL C 19 -13.42 12.08 6.21
C VAL C 19 -13.07 13.27 7.11
N PHE C 20 -12.08 14.05 6.69
CA PHE C 20 -11.71 15.27 7.40
C PHE C 20 -12.07 16.52 6.60
N THR C 21 -12.47 17.58 7.30
CA THR C 21 -12.68 18.87 6.67
C THR C 21 -11.86 19.94 7.36
N HIS C 22 -12.03 21.19 6.90
CA HIS C 22 -11.40 22.37 7.48
C HIS C 22 -9.90 22.27 7.49
N SER C 23 -9.31 22.08 6.31
CA SER C 23 -7.86 21.91 6.20
C SER C 23 -7.36 20.82 7.15
N GLY C 24 -8.13 19.74 7.29
CA GLY C 24 -7.70 18.59 8.07
C GLY C 24 -7.79 18.77 9.57
N LYS C 25 -8.23 19.95 10.01
CA LYS C 25 -8.37 20.21 11.44
C LYS C 25 -9.61 19.52 12.04
N LYS C 26 -10.50 19.00 11.19
CA LYS C 26 -11.75 18.44 11.69
C LYS C 26 -12.11 17.03 11.23
N ASN C 27 -12.12 16.09 12.17
CA ASN C 27 -12.59 14.74 11.91
C ASN C 27 -14.12 14.74 11.97
N THR C 28 -14.75 14.52 10.81
CA THR C 28 -16.20 14.60 10.72
C THR C 28 -16.92 13.39 11.31
N GLY C 29 -16.19 12.30 11.47
CA GLY C 29 -16.79 11.04 11.90
C GLY C 29 -17.53 10.36 10.76
N ILE C 30 -17.41 10.91 9.56
CA ILE C 30 -18.03 10.30 8.39
C ILE C 30 -17.08 9.30 7.78
N LEU C 31 -17.60 8.13 7.46
CA LEU C 31 -16.80 7.07 6.87
C LEU C 31 -16.58 7.37 5.40
N LEU C 32 -15.32 7.21 4.99
CA LEU C 32 -14.93 7.40 3.59
C LEU C 32 -15.79 6.58 2.63
N ARG C 33 -16.16 5.37 3.03
CA ARG C 33 -16.96 4.48 2.18
C ARG C 33 -18.34 5.09 1.85
N ASP C 34 -18.98 5.66 2.86
CA ASP C 34 -20.30 6.24 2.68
C ASP C 34 -20.23 7.54 1.88
N TRP C 35 -19.23 8.36 2.17
CA TRP C 35 -19.07 9.65 1.50
C TRP C 35 -18.77 9.49 -0.01
N VAL C 36 -18.00 8.47 -0.34
CA VAL C 36 -17.61 8.27 -1.73
C VAL C 36 -18.83 7.93 -2.56
N VAL C 37 -19.67 7.05 -2.03
CA VAL C 37 -20.89 6.65 -2.72
C VAL C 37 -21.81 7.87 -2.87
N GLU C 38 -21.88 8.65 -1.81
CA GLU C 38 -22.70 9.85 -1.75
C GLU C 38 -22.28 10.91 -2.76
N VAL C 39 -20.99 11.21 -2.84
CA VAL C 39 -20.57 12.27 -3.74
C VAL C 39 -20.86 11.92 -5.20
N GLU C 40 -20.66 10.66 -5.56
CA GLU C 40 -20.98 10.25 -6.91
C GLU C 40 -22.50 10.42 -7.17
N LYS C 41 -23.32 9.99 -6.22
CA LYS C 41 -24.77 10.10 -6.33
C LYS C 41 -25.19 11.55 -6.53
N ARG C 42 -24.56 12.45 -5.79
CA ARG C 42 -24.87 13.87 -5.85
C ARG C 42 -24.40 14.58 -7.12
N GLY C 43 -23.52 13.96 -7.89
CA GLY C 43 -23.14 14.48 -9.19
C GLY C 43 -21.73 15.00 -9.38
N ALA C 44 -20.80 14.63 -8.50
CA ALA C 44 -19.39 15.00 -8.69
C ALA C 44 -18.86 14.42 -10.01
N GLY C 45 -17.89 15.09 -10.62
CA GLY C 45 -17.30 14.55 -11.84
C GLY C 45 -15.98 13.83 -11.61
N GLU C 46 -15.26 14.23 -10.57
CA GLU C 46 -13.95 13.66 -10.25
C GLU C 46 -13.74 13.71 -8.75
N ILE C 47 -12.98 12.77 -8.22
CA ILE C 47 -12.63 12.80 -6.80
C ILE C 47 -11.13 12.95 -6.61
N LEU C 48 -10.76 13.95 -5.81
CA LEU C 48 -9.38 14.18 -5.46
C LEU C 48 -9.19 13.51 -4.10
N LEU C 49 -8.48 12.39 -4.11
CA LEU C 49 -8.42 11.53 -2.96
C LEU C 49 -7.11 11.72 -2.23
N THR C 50 -7.14 12.55 -1.18
CA THR C 50 -5.92 12.89 -0.44
C THR C 50 -5.80 12.17 0.91
N SER C 51 -4.71 11.45 1.08
CA SER C 51 -4.39 10.81 2.33
C SER C 51 -3.47 11.75 3.11
N ILE C 52 -4.00 12.38 4.16
CA ILE C 52 -3.20 13.30 4.95
C ILE C 52 -1.99 12.64 5.56
N ASP C 53 -2.11 11.34 5.86
CA ASP C 53 -0.98 10.58 6.38
C ASP C 53 0.24 10.63 5.45
N ARG C 54 0.01 10.65 4.14
CA ARG C 54 1.10 10.56 3.17
C ARG C 54 1.63 11.90 2.68
N VAL C 55 0.79 12.94 2.75
CA VAL C 55 1.12 14.23 2.14
C VAL C 55 2.44 14.80 2.62
N GLY C 56 3.33 15.09 1.68
CA GLY C 56 4.59 15.73 2.01
C GLY C 56 5.67 14.75 2.44
N THR C 57 5.31 13.49 2.60
CA THR C 57 6.24 12.47 3.10
C THR C 57 7.13 11.92 2.01
N LYS C 58 6.69 12.08 0.75
CA LYS C 58 7.41 11.56 -0.41
C LYS C 58 7.65 10.07 -0.35
N SER C 59 6.89 9.37 0.48
CA SER C 59 7.14 7.94 0.67
C SER C 59 6.20 7.03 -0.15
N GLY C 60 5.44 7.60 -1.08
CA GLY C 60 4.48 6.85 -1.88
C GLY C 60 3.02 7.19 -1.61
N TYR C 61 2.17 6.97 -2.60
CA TYR C 61 0.74 7.22 -2.45
C TYR C 61 0.15 6.19 -1.50
N ASP C 62 -0.95 6.54 -0.88
CA ASP C 62 -1.68 5.60 -0.06
C ASP C 62 -2.40 4.62 -0.99
N THR C 63 -1.68 3.63 -1.50
CA THR C 63 -2.28 2.65 -2.40
C THR C 63 -3.43 1.84 -1.74
N GLU C 64 -3.33 1.60 -0.44
CA GLU C 64 -4.37 0.86 0.29
C GLU C 64 -5.68 1.64 0.25
N MET C 65 -5.59 2.96 0.45
CA MET C 65 -6.77 3.80 0.41
C MET C 65 -7.32 3.89 -1.02
N ILE C 66 -6.42 3.97 -1.99
CA ILE C 66 -6.86 4.01 -3.37
C ILE C 66 -7.59 2.72 -3.74
N ARG C 67 -7.02 1.59 -3.37
CA ARG C 67 -7.65 0.30 -3.64
C ARG C 67 -8.99 0.17 -2.90
N PHE C 68 -9.07 0.76 -1.72
CA PHE C 68 -10.30 0.69 -0.94
C PHE C 68 -11.41 1.44 -1.63
N VAL C 69 -11.09 2.61 -2.17
CA VAL C 69 -12.08 3.49 -2.80
C VAL C 69 -12.52 3.04 -4.20
N ARG C 70 -11.61 2.43 -4.95
CA ARG C 70 -11.84 2.07 -6.35
C ARG C 70 -13.14 1.31 -6.71
N PRO C 71 -13.50 0.24 -5.95
CA PRO C 71 -14.74 -0.46 -6.31
C PRO C 71 -16.02 0.25 -5.91
N LEU C 72 -15.88 1.36 -5.19
CA LEU C 72 -17.03 2.10 -4.70
C LEU C 72 -17.56 3.06 -5.74
N THR C 73 -16.72 3.47 -6.67
CA THR C 73 -17.07 4.55 -7.58
C THR C 73 -16.66 4.28 -9.03
N THR C 74 -17.43 4.84 -9.96
CA THR C 74 -17.08 4.76 -11.37
C THR C 74 -16.44 6.06 -11.81
N LEU C 75 -16.15 6.92 -10.85
CA LEU C 75 -15.65 8.24 -11.16
C LEU C 75 -14.13 8.26 -11.32
N PRO C 76 -13.63 9.21 -12.10
CA PRO C 76 -12.19 9.46 -12.14
C PRO C 76 -11.62 9.75 -10.74
N ILE C 77 -10.63 8.98 -10.31
CA ILE C 77 -9.94 9.24 -9.04
C ILE C 77 -8.56 9.86 -9.27
N ILE C 78 -8.33 11.01 -8.66
CA ILE C 78 -7.01 11.65 -8.67
C ILE C 78 -6.30 11.34 -7.35
N ALA C 79 -5.20 10.57 -7.42
CA ALA C 79 -4.41 10.24 -6.24
C ALA C 79 -3.56 11.42 -5.78
N SER C 80 -3.56 11.65 -4.47
CA SER C 80 -2.95 12.85 -3.93
C SER C 80 -2.30 12.56 -2.59
N GLY C 81 -1.04 12.99 -2.45
CA GLY C 81 -0.33 12.93 -1.20
C GLY C 81 0.67 11.79 -1.16
N GLY C 82 1.96 12.12 -1.13
CA GLY C 82 2.98 11.11 -0.92
C GLY C 82 3.91 10.79 -2.08
N ALA C 83 3.61 11.26 -3.28
CA ALA C 83 4.46 10.93 -4.43
C ALA C 83 5.90 11.43 -4.26
N GLY C 84 6.87 10.57 -4.56
CA GLY C 84 8.27 10.91 -4.41
C GLY C 84 9.16 10.42 -5.53
N LYS C 85 8.65 9.49 -6.34
CA LYS C 85 9.42 8.93 -7.45
C LYS C 85 8.51 8.23 -8.45
N MET C 86 9.09 7.84 -9.57
CA MET C 86 8.34 7.37 -10.73
C MET C 86 7.46 6.14 -10.46
N GLU C 87 7.98 5.20 -9.70
CA GLU C 87 7.25 3.97 -9.44
C GLU C 87 5.99 4.20 -8.60
N HIS C 88 5.98 5.28 -7.82
CA HIS C 88 4.80 5.67 -7.05
C HIS C 88 3.62 5.95 -7.95
N PHE C 89 3.88 6.68 -9.03
CA PHE C 89 2.87 6.99 -10.02
C PHE C 89 2.29 5.71 -10.58
N LEU C 90 3.18 4.78 -10.92
CA LEU C 90 2.79 3.51 -11.52
C LEU C 90 2.00 2.65 -10.53
N GLU C 91 2.46 2.59 -9.29
CA GLU C 91 1.71 1.88 -8.25
C GLU C 91 0.29 2.46 -8.08
N ALA C 92 0.19 3.79 -8.04
CA ALA C 92 -1.12 4.46 -7.92
C ALA C 92 -2.06 4.13 -9.08
N PHE C 93 -1.53 4.25 -10.31
CA PHE C 93 -2.28 3.82 -11.48
C PHE C 93 -2.74 2.38 -11.34
N LEU C 94 -1.82 1.48 -11.02
CA LEU C 94 -2.20 0.08 -10.81
C LEU C 94 -3.21 -0.11 -9.67
N ALA C 95 -3.23 0.82 -8.71
CA ALA C 95 -4.20 0.76 -7.61
C ALA C 95 -5.62 1.20 -8.02
N GLY C 96 -5.74 1.90 -9.15
CA GLY C 96 -7.04 2.34 -9.65
C GLY C 96 -7.16 3.85 -9.82
N ALA C 97 -6.08 4.57 -9.53
CA ALA C 97 -6.07 6.02 -9.73
C ALA C 97 -6.09 6.29 -11.22
N ASP C 98 -6.97 7.20 -11.65
CA ASP C 98 -7.04 7.58 -13.07
C ASP C 98 -6.05 8.68 -13.39
N LYS C 99 -5.73 9.50 -12.39
CA LYS C 99 -4.79 10.60 -12.57
C LYS C 99 -3.96 10.68 -11.29
N VAL C 100 -2.76 11.23 -11.41
CA VAL C 100 -1.90 11.39 -10.26
C VAL C 100 -1.59 12.88 -10.02
N SER C 101 -1.45 13.24 -8.76
CA SER C 101 -1.22 14.63 -8.39
C SER C 101 0.03 14.69 -7.53
N ILE C 102 0.79 15.76 -7.67
CA ILE C 102 2.05 15.86 -6.97
C ILE C 102 2.31 17.29 -6.55
N ASN C 103 2.78 17.49 -5.32
CA ASN C 103 3.21 18.82 -4.90
C ASN C 103 4.67 18.83 -4.46
N THR C 104 4.90 18.32 -3.25
CA THR C 104 6.19 18.42 -2.57
C THR C 104 7.37 17.94 -3.40
N ALA C 105 7.26 16.75 -3.97
CA ALA C 105 8.36 16.16 -4.72
C ALA C 105 8.58 16.86 -6.05
N ALA C 106 7.53 17.47 -6.58
CA ALA C 106 7.63 18.22 -7.83
C ALA C 106 8.54 19.42 -7.63
N VAL C 107 8.30 20.19 -6.57
CA VAL C 107 9.12 21.35 -6.25
C VAL C 107 10.59 20.96 -6.07
N GLU C 108 10.81 19.84 -5.41
CA GLU C 108 12.18 19.38 -5.12
C GLU C 108 12.84 18.68 -6.30
N ASN C 109 12.03 18.13 -7.21
CA ASN C 109 12.55 17.39 -8.33
C ASN C 109 11.63 17.54 -9.54
N PRO C 110 11.64 18.73 -10.16
CA PRO C 110 10.69 19.10 -11.21
C PRO C 110 10.70 18.16 -12.42
N SER C 111 11.81 17.46 -12.60
CA SER C 111 11.92 16.53 -13.71
C SER C 111 11.05 15.30 -13.49
N LEU C 112 10.50 15.16 -12.29
CA LEU C 112 9.56 14.07 -12.02
C LEU C 112 8.30 14.27 -12.85
N ILE C 113 7.88 15.53 -12.96
CA ILE C 113 6.76 15.90 -13.79
C ILE C 113 7.00 15.41 -15.23
N THR C 114 8.16 15.75 -15.76
CA THR C 114 8.49 15.41 -17.13
C THR C 114 8.51 13.90 -17.37
N GLN C 115 9.14 13.19 -16.44
CA GLN C 115 9.28 11.74 -16.55
C GLN C 115 7.91 11.04 -16.62
N ILE C 116 6.97 11.45 -15.78
CA ILE C 116 5.65 10.82 -15.80
C ILE C 116 4.83 11.28 -17.03
N ALA C 117 4.89 12.57 -17.34
CA ALA C 117 4.15 13.10 -18.47
C ALA C 117 4.64 12.53 -19.81
N GLN C 118 5.93 12.28 -19.94
CA GLN C 118 6.47 11.71 -21.17
C GLN C 118 6.25 10.21 -21.27
N THR C 119 5.82 9.58 -20.19
CA THR C 119 5.56 8.15 -20.23
C THR C 119 4.31 7.86 -21.05
N PHE C 120 3.25 8.65 -20.86
CA PHE C 120 2.01 8.45 -21.57
C PHE C 120 1.59 9.73 -22.28
N GLY C 121 0.55 10.35 -21.75
CA GLY C 121 0.06 11.65 -22.18
C GLY C 121 -0.32 12.42 -20.93
N SER C 122 -0.24 13.74 -20.99
CA SER C 122 -0.23 14.57 -19.77
C SER C 122 -1.57 14.83 -19.06
N GLN C 123 -2.70 14.39 -19.61
CA GLN C 123 -4.00 14.65 -18.98
C GLN C 123 -4.23 13.86 -17.67
N ALA C 124 -3.24 13.05 -17.31
CA ALA C 124 -3.28 12.28 -16.08
C ALA C 124 -2.36 12.89 -15.03
N VAL C 125 -1.61 13.91 -15.42
CA VAL C 125 -0.66 14.52 -14.51
C VAL C 125 -1.11 15.91 -14.03
N VAL C 126 -1.37 15.97 -12.73
CA VAL C 126 -1.85 17.17 -12.11
C VAL C 126 -0.76 17.65 -11.16
N VAL C 127 -0.37 18.91 -11.27
CA VAL C 127 0.51 19.49 -10.26
C VAL C 127 -0.29 20.34 -9.28
N ALA C 128 -0.25 19.96 -8.01
CA ALA C 128 -0.92 20.75 -7.00
C ALA C 128 -0.01 21.90 -6.61
N ILE C 129 -0.49 23.12 -6.77
CA ILE C 129 0.30 24.28 -6.38
C ILE C 129 -0.41 24.93 -5.21
N VAL C 130 0.30 25.02 -4.11
CA VAL C 130 -0.26 25.57 -2.89
C VAL C 130 0.47 26.86 -2.52
N ALA C 131 -0.26 27.98 -2.56
CA ALA C 131 0.37 29.28 -2.45
C ALA C 131 -0.24 30.15 -1.36
N LYS C 132 0.57 31.12 -0.92
CA LYS C 132 0.19 32.07 0.12
C LYS C 132 0.88 33.40 -0.13
N ARG C 133 0.21 34.51 0.21
CA ARG C 133 0.86 35.82 0.14
C ARG C 133 1.87 35.98 1.27
N VAL C 134 3.11 36.31 0.92
CA VAL C 134 4.16 36.56 1.89
C VAL C 134 5.01 37.74 1.40
N ASP C 135 5.14 38.77 2.24
CA ASP C 135 5.86 40.01 1.90
C ASP C 135 5.59 40.56 0.48
N GLY C 136 4.33 40.73 0.13
CA GLY C 136 3.98 41.29 -1.16
C GLY C 136 3.97 40.31 -2.32
N GLU C 137 4.41 39.08 -2.08
CA GLU C 137 4.51 38.09 -3.17
C GLU C 137 3.67 36.85 -2.92
N PHE C 138 3.12 36.30 -3.99
CA PHE C 138 2.60 34.93 -3.93
C PHE C 138 3.77 33.94 -3.88
N MET C 139 3.81 33.13 -2.83
CA MET C 139 4.88 32.12 -2.69
C MET C 139 4.40 30.67 -2.66
N VAL C 140 5.28 29.77 -3.07
CA VAL C 140 4.94 28.35 -3.15
C VAL C 140 5.30 27.60 -1.88
N PHE C 141 4.30 26.92 -1.32
CA PHE C 141 4.44 26.15 -0.08
C PHE C 141 4.37 24.66 -0.37
N THR C 142 5.21 23.89 0.32
CA THR C 142 5.16 22.43 0.24
C THR C 142 4.82 21.86 1.62
N HIS C 143 4.72 20.53 1.71
CA HIS C 143 4.33 19.84 2.94
C HIS C 143 3.01 20.36 3.51
N SER C 144 1.94 20.20 2.74
CA SER C 144 0.59 20.59 3.16
C SER C 144 0.47 22.09 3.46
N GLY C 145 1.41 22.88 2.94
CA GLY C 145 1.41 24.31 3.14
C GLY C 145 2.13 24.76 4.39
N LYS C 146 2.91 23.87 4.99
CA LYS C 146 3.65 24.20 6.20
C LYS C 146 5.02 24.82 5.87
N LYS C 147 5.53 24.54 4.68
CA LYS C 147 6.89 24.96 4.33
C LYS C 147 6.96 25.94 3.17
N ASN C 148 7.36 27.18 3.47
CA ASN C 148 7.65 28.18 2.43
C ASN C 148 8.94 27.82 1.70
N THR C 149 8.90 27.75 0.38
CA THR C 149 10.05 27.32 -0.41
C THR C 149 10.93 28.46 -0.87
N GLY C 150 10.42 29.68 -0.76
CA GLY C 150 11.10 30.82 -1.32
C GLY C 150 10.90 30.96 -2.83
N ILE C 151 10.13 30.06 -3.41
CA ILE C 151 9.87 30.07 -4.85
C ILE C 151 8.60 30.86 -5.12
N LEU C 152 8.69 31.77 -6.08
CA LEU C 152 7.57 32.62 -6.47
C LEU C 152 6.59 31.83 -7.34
N LEU C 153 5.30 32.04 -7.07
CA LEU C 153 4.25 31.40 -7.84
C LEU C 153 4.42 31.67 -9.33
N ARG C 154 4.65 32.93 -9.68
CA ARG C 154 4.88 33.32 -11.07
C ARG C 154 5.89 32.42 -11.79
N ASP C 155 7.03 32.16 -11.17
CA ASP C 155 8.05 31.32 -11.77
C ASP C 155 7.67 29.84 -11.75
N TRP C 156 6.97 29.44 -10.69
CA TRP C 156 6.64 28.03 -10.54
C TRP C 156 5.59 27.58 -11.54
N VAL C 157 4.59 28.41 -11.77
CA VAL C 157 3.51 28.10 -12.71
C VAL C 157 4.07 27.84 -14.12
N VAL C 158 4.94 28.75 -14.56
CA VAL C 158 5.58 28.68 -15.87
C VAL C 158 6.45 27.42 -16.02
N GLU C 159 7.28 27.16 -15.03
CA GLU C 159 8.10 25.95 -15.02
C GLU C 159 7.25 24.66 -15.08
N VAL C 160 6.17 24.63 -14.30
CA VAL C 160 5.31 23.46 -14.20
C VAL C 160 4.70 23.07 -15.53
N GLU C 161 4.30 24.08 -16.30
CA GLU C 161 3.77 23.82 -17.65
C GLU C 161 4.89 23.40 -18.61
N LYS C 162 6.05 24.03 -18.48
CA LYS C 162 7.21 23.66 -19.31
C LYS C 162 7.60 22.21 -19.06
N ARG C 163 7.45 21.74 -17.83
CA ARG C 163 7.84 20.38 -17.50
C ARG C 163 6.85 19.32 -17.97
N GLY C 164 5.66 19.74 -18.38
CA GLY C 164 4.70 18.83 -18.98
C GLY C 164 3.47 18.51 -18.16
N ALA C 165 3.16 19.31 -17.15
CA ALA C 165 1.91 19.12 -16.40
C ALA C 165 0.68 19.21 -17.29
N GLY C 166 -0.39 18.51 -16.91
CA GLY C 166 -1.60 18.53 -17.70
C GLY C 166 -2.71 19.37 -17.11
N GLU C 167 -2.62 19.61 -15.80
CA GLU C 167 -3.62 20.38 -15.08
C GLU C 167 -2.93 20.93 -13.86
N ILE C 168 -3.39 22.08 -13.38
CA ILE C 168 -2.87 22.69 -12.17
C ILE C 168 -3.99 22.78 -11.15
N LEU C 169 -3.76 22.20 -9.96
CA LEU C 169 -4.68 22.37 -8.85
C LEU C 169 -4.15 23.51 -7.99
N LEU C 170 -4.84 24.64 -8.00
CA LEU C 170 -4.33 25.84 -7.39
C LEU C 170 -5.01 26.11 -6.08
N THR C 171 -4.27 25.90 -5.00
CA THR C 171 -4.85 26.02 -3.68
C THR C 171 -4.32 27.26 -2.98
N SER C 172 -5.25 28.05 -2.47
CA SER C 172 -4.87 29.21 -1.67
C SER C 172 -5.00 28.84 -0.19
N ILE C 173 -3.87 28.68 0.46
CA ILE C 173 -3.77 28.18 1.83
C ILE C 173 -4.61 28.97 2.84
N ASP C 174 -4.77 30.27 2.62
CA ASP C 174 -5.54 31.09 3.54
C ASP C 174 -7.05 30.91 3.43
N ARG C 175 -7.51 30.40 2.28
CA ARG C 175 -8.95 30.28 2.03
C ARG C 175 -9.53 28.93 2.42
N VAL C 176 -8.70 27.89 2.32
CA VAL C 176 -9.08 26.50 2.59
C VAL C 176 -9.82 26.35 3.90
N GLY C 177 -11.04 25.83 3.83
CA GLY C 177 -11.83 25.56 5.02
C GLY C 177 -12.61 26.74 5.55
N THR C 178 -12.39 27.93 5.00
CA THR C 178 -13.04 29.14 5.48
C THR C 178 -14.44 29.37 4.95
N LYS C 179 -14.77 28.74 3.83
CA LYS C 179 -16.07 28.91 3.18
C LYS C 179 -16.32 30.39 2.87
N SER C 180 -15.25 31.16 2.74
CA SER C 180 -15.38 32.60 2.53
C SER C 180 -15.22 32.95 1.05
N GLY C 181 -15.05 31.93 0.21
CA GLY C 181 -14.90 32.17 -1.22
C GLY C 181 -13.53 31.78 -1.73
N TYR C 182 -13.42 31.55 -3.03
CA TYR C 182 -12.13 31.25 -3.66
C TYR C 182 -11.23 32.50 -3.74
N ASP C 183 -9.93 32.29 -3.71
CA ASP C 183 -8.98 33.38 -3.89
C ASP C 183 -8.94 33.79 -5.36
N THR C 184 -9.89 34.62 -5.77
CA THR C 184 -9.99 34.98 -7.17
C THR C 184 -8.84 35.87 -7.62
N GLU C 185 -8.24 36.58 -6.68
CA GLU C 185 -7.08 37.39 -7.01
C GLU C 185 -5.92 36.48 -7.45
N MET C 186 -5.68 35.43 -6.70
CA MET C 186 -4.67 34.42 -7.06
C MET C 186 -4.98 33.74 -8.41
N ILE C 187 -6.23 33.33 -8.62
CA ILE C 187 -6.62 32.70 -9.90
C ILE C 187 -6.39 33.63 -11.11
N ARG C 188 -6.78 34.90 -10.97
CA ARG C 188 -6.58 35.90 -12.02
C ARG C 188 -5.08 36.16 -12.21
N PHE C 189 -4.32 36.07 -11.11
CA PHE C 189 -2.86 36.23 -11.20
C PHE C 189 -2.25 35.11 -12.03
N VAL C 190 -2.71 33.88 -11.79
CA VAL C 190 -2.11 32.69 -12.41
C VAL C 190 -2.57 32.50 -13.88
N ARG C 191 -3.84 32.77 -14.13
CA ARG C 191 -4.45 32.52 -15.44
C ARG C 191 -3.65 32.90 -16.71
N PRO C 192 -3.16 34.16 -16.79
CA PRO C 192 -2.41 34.52 -18.01
C PRO C 192 -1.00 33.93 -18.08
N LEU C 193 -0.57 33.22 -17.04
CA LEU C 193 0.76 32.62 -16.98
C LEU C 193 0.76 31.20 -17.55
N THR C 194 -0.42 30.61 -17.73
CA THR C 194 -0.51 29.22 -18.14
C THR C 194 -1.63 28.95 -19.14
N THR C 195 -1.44 27.97 -20.01
CA THR C 195 -2.49 27.51 -20.93
C THR C 195 -3.28 26.31 -20.36
N LEU C 196 -2.83 25.77 -19.25
CA LEU C 196 -3.42 24.55 -18.69
C LEU C 196 -4.77 24.80 -18.02
N PRO C 197 -5.57 23.74 -17.86
CA PRO C 197 -6.76 23.91 -17.01
C PRO C 197 -6.38 24.17 -15.55
N ILE C 198 -7.07 25.13 -14.94
CA ILE C 198 -6.86 25.46 -13.55
C ILE C 198 -8.01 24.92 -12.70
N ILE C 199 -7.70 24.15 -11.67
CA ILE C 199 -8.72 23.73 -10.72
C ILE C 199 -8.64 24.62 -9.48
N ALA C 200 -9.63 25.50 -9.32
CA ALA C 200 -9.69 26.37 -8.14
C ALA C 200 -9.97 25.55 -6.88
N SER C 201 -9.12 25.72 -5.88
CA SER C 201 -9.21 24.92 -4.67
C SER C 201 -9.15 25.80 -3.43
N GLY C 202 -10.12 25.62 -2.55
CA GLY C 202 -10.07 26.27 -1.25
C GLY C 202 -10.97 27.47 -1.12
N GLY C 203 -11.92 27.37 -0.19
CA GLY C 203 -12.76 28.51 0.17
C GLY C 203 -14.22 28.47 -0.25
N ALA C 204 -14.62 27.48 -1.06
CA ALA C 204 -15.99 27.48 -1.58
C ALA C 204 -16.98 27.35 -0.43
N GLY C 205 -18.05 28.14 -0.47
CA GLY C 205 -19.05 28.10 0.58
C GLY C 205 -20.49 28.22 0.11
N LYS C 206 -20.69 28.74 -1.09
CA LYS C 206 -22.03 28.97 -1.60
C LYS C 206 -21.98 29.07 -3.12
N MET C 207 -23.13 28.97 -3.77
CA MET C 207 -23.22 28.93 -5.23
C MET C 207 -22.55 30.11 -5.95
N GLU C 208 -22.71 31.31 -5.41
CA GLU C 208 -22.13 32.51 -6.00
C GLU C 208 -20.61 32.39 -6.15
N HIS C 209 -19.97 31.69 -5.22
CA HIS C 209 -18.54 31.46 -5.25
C HIS C 209 -18.04 30.76 -6.51
N PHE C 210 -18.81 29.82 -7.04
CA PHE C 210 -18.35 29.06 -8.20
C PHE C 210 -18.31 29.91 -9.46
N LEU C 211 -19.34 30.72 -9.62
CA LEU C 211 -19.41 31.62 -10.77
C LEU C 211 -18.23 32.60 -10.76
N GLU C 212 -17.88 33.11 -9.59
CA GLU C 212 -16.71 33.99 -9.43
C GLU C 212 -15.40 33.31 -9.86
N ALA C 213 -15.22 32.07 -9.44
CA ALA C 213 -14.03 31.31 -9.84
C ALA C 213 -13.97 31.13 -11.35
N PHE C 214 -15.12 30.81 -11.95
CA PHE C 214 -15.15 30.65 -13.42
C PHE C 214 -14.78 31.96 -14.13
N LEU C 215 -15.38 33.06 -13.68
CA LEU C 215 -15.16 34.36 -14.30
C LEU C 215 -13.71 34.83 -14.09
N ALA C 216 -13.10 34.38 -13.01
CA ALA C 216 -11.71 34.74 -12.74
C ALA C 216 -10.76 33.89 -13.56
N GLY C 217 -11.26 32.80 -14.14
CA GLY C 217 -10.47 31.97 -15.06
C GLY C 217 -10.33 30.49 -14.73
N ALA C 218 -11.01 30.00 -13.72
CA ALA C 218 -10.91 28.58 -13.41
C ALA C 218 -11.64 27.76 -14.46
N ASP C 219 -11.11 26.58 -14.74
CA ASP C 219 -11.70 25.63 -15.67
C ASP C 219 -12.58 24.65 -14.90
N LYS C 220 -12.17 24.31 -13.68
CA LYS C 220 -12.94 23.45 -12.79
C LYS C 220 -12.93 24.01 -11.37
N VAL C 221 -13.83 23.53 -10.52
CA VAL C 221 -13.82 23.94 -9.12
C VAL C 221 -13.74 22.73 -8.19
N SER C 222 -13.08 22.94 -7.07
CA SER C 222 -12.85 21.87 -6.12
C SER C 222 -13.51 22.27 -4.81
N ILE C 223 -14.02 21.28 -4.10
CA ILE C 223 -14.74 21.55 -2.88
C ILE C 223 -14.62 20.40 -1.90
N ASN C 224 -14.44 20.75 -0.63
CA ASN C 224 -14.37 19.77 0.44
C ASN C 224 -15.31 20.18 1.57
N THR C 225 -14.85 21.10 2.41
CA THR C 225 -15.58 21.48 3.62
C THR C 225 -17.09 21.76 3.41
N ALA C 226 -17.40 22.71 2.52
CA ALA C 226 -18.80 23.08 2.34
C ALA C 226 -19.64 21.91 1.79
N ALA C 227 -19.01 21.02 1.04
CA ALA C 227 -19.67 19.84 0.50
C ALA C 227 -20.06 18.86 1.60
N VAL C 228 -19.13 18.58 2.51
CA VAL C 228 -19.43 17.69 3.62
C VAL C 228 -20.57 18.27 4.47
N GLU C 229 -20.55 19.59 4.68
CA GLU C 229 -21.60 20.21 5.50
C GLU C 229 -22.95 20.30 4.79
N ASN C 230 -22.92 20.51 3.48
CA ASN C 230 -24.13 20.57 2.67
C ASN C 230 -23.93 19.86 1.33
N PRO C 231 -24.16 18.54 1.29
CA PRO C 231 -23.91 17.76 0.08
C PRO C 231 -24.72 18.18 -1.13
N SER C 232 -25.92 18.75 -0.91
CA SER C 232 -26.77 19.18 -2.02
C SER C 232 -26.13 20.34 -2.78
N LEU C 233 -25.15 20.97 -2.15
CA LEU C 233 -24.35 21.97 -2.85
C LEU C 233 -23.64 21.36 -4.06
N ILE C 234 -23.27 20.09 -3.95
CA ILE C 234 -22.55 19.43 -5.02
C ILE C 234 -23.48 19.29 -6.19
N THR C 235 -24.72 18.91 -5.89
CA THR C 235 -25.76 18.73 -6.90
C THR C 235 -26.05 20.08 -7.55
N GLN C 236 -25.98 21.12 -6.73
CA GLN C 236 -26.30 22.46 -7.17
C GLN C 236 -25.32 22.88 -8.26
N ILE C 237 -24.02 22.69 -8.02
CA ILE C 237 -23.03 23.07 -9.03
C ILE C 237 -23.04 22.08 -10.21
N ALA C 238 -23.31 20.81 -9.92
CA ALA C 238 -23.35 19.78 -10.97
C ALA C 238 -24.49 19.99 -11.95
N GLN C 239 -25.67 20.32 -11.43
CA GLN C 239 -26.81 20.61 -12.29
C GLN C 239 -26.82 22.04 -12.84
N THR C 240 -25.73 22.79 -12.61
CA THR C 240 -25.56 24.10 -13.26
C THR C 240 -24.42 24.12 -14.28
N GLN D 2 6.91 -8.55 -18.15
CA GLN D 2 6.26 -9.39 -17.16
C GLN D 2 4.73 -9.45 -17.34
N ARG D 3 4.13 -8.27 -17.44
CA ARG D 3 2.70 -8.16 -17.70
C ARG D 3 2.51 -7.87 -19.19
N VAL D 4 3.62 -8.00 -19.93
CA VAL D 4 3.69 -7.67 -21.34
C VAL D 4 3.76 -8.93 -22.18
N VAL D 5 2.69 -9.22 -22.90
CA VAL D 5 2.66 -10.37 -23.79
C VAL D 5 2.71 -9.89 -25.23
N VAL D 6 3.66 -10.40 -26.00
CA VAL D 6 3.65 -10.09 -27.42
C VAL D 6 3.01 -11.24 -28.19
N ALA D 7 1.91 -10.94 -28.87
CA ALA D 7 1.25 -11.93 -29.68
C ALA D 7 1.97 -12.00 -31.01
N ILE D 8 2.47 -13.18 -31.37
CA ILE D 8 3.02 -13.37 -32.71
C ILE D 8 2.15 -14.32 -33.50
N VAL D 9 1.52 -13.81 -34.55
CA VAL D 9 0.70 -14.60 -35.46
C VAL D 9 1.52 -14.95 -36.70
N ALA D 10 1.67 -16.24 -36.98
CA ALA D 10 2.55 -16.69 -38.05
C ALA D 10 1.91 -17.73 -38.96
N LYS D 11 2.46 -17.86 -40.16
CA LYS D 11 1.99 -18.81 -41.17
C LYS D 11 3.09 -19.06 -42.17
N ARG D 12 3.15 -20.29 -42.69
CA ARG D 12 4.11 -20.62 -43.73
C ARG D 12 3.66 -20.01 -45.05
N VAL D 13 4.55 -19.28 -45.69
CA VAL D 13 4.29 -18.71 -47.00
C VAL D 13 5.47 -19.05 -47.89
N ASP D 14 5.25 -19.93 -48.86
CA ASP D 14 6.30 -20.33 -49.80
C ASP D 14 7.55 -20.84 -49.06
N GLY D 15 7.34 -21.74 -48.11
CA GLY D 15 8.46 -22.42 -47.47
C GLY D 15 8.99 -21.76 -46.21
N GLU D 16 8.52 -20.57 -45.89
CA GLU D 16 8.99 -19.90 -44.67
C GLU D 16 7.89 -19.38 -43.76
N PHE D 17 8.13 -19.44 -42.44
CA PHE D 17 7.27 -18.84 -41.45
C PHE D 17 7.37 -17.31 -41.49
N MET D 18 6.25 -16.67 -41.80
CA MET D 18 6.16 -15.20 -41.92
C MET D 18 5.27 -14.62 -40.82
N VAL D 19 5.62 -13.42 -40.36
CA VAL D 19 4.82 -12.69 -39.37
C VAL D 19 3.61 -12.01 -40.00
N PHE D 20 2.43 -12.27 -39.46
CA PHE D 20 1.22 -11.62 -39.92
C PHE D 20 0.66 -10.65 -38.86
N THR D 21 0.10 -9.53 -39.32
CA THR D 21 -0.53 -8.56 -38.41
C THR D 21 -1.94 -8.26 -38.91
N HIS D 22 -2.57 -7.25 -38.31
CA HIS D 22 -3.91 -6.83 -38.73
C HIS D 22 -4.91 -7.97 -38.76
N SER D 23 -5.01 -8.68 -37.64
CA SER D 23 -5.95 -9.80 -37.53
C SER D 23 -5.74 -10.82 -38.66
N GLY D 24 -4.50 -11.21 -38.89
CA GLY D 24 -4.18 -12.25 -39.85
C GLY D 24 -4.35 -11.89 -41.33
N LYS D 25 -4.57 -10.61 -41.64
CA LYS D 25 -4.79 -10.21 -43.03
C LYS D 25 -3.54 -9.57 -43.67
N LYS D 26 -2.50 -9.32 -42.88
CA LYS D 26 -1.29 -8.71 -43.45
C LYS D 26 -0.01 -9.52 -43.25
N ASN D 27 0.48 -10.08 -44.34
CA ASN D 27 1.81 -10.65 -44.42
C ASN D 27 2.80 -9.51 -44.49
N THR D 28 3.57 -9.34 -43.42
CA THR D 28 4.46 -8.19 -43.26
C THR D 28 5.78 -8.34 -44.02
N GLY D 29 6.04 -9.54 -44.53
CA GLY D 29 7.30 -9.80 -45.18
C GLY D 29 8.42 -10.02 -44.17
N ILE D 30 8.07 -10.05 -42.89
CA ILE D 30 9.08 -10.31 -41.86
C ILE D 30 9.05 -11.78 -41.45
N LEU D 31 10.24 -12.39 -41.38
CA LEU D 31 10.37 -13.78 -40.98
C LEU D 31 10.20 -13.92 -39.47
N LEU D 32 9.46 -14.95 -39.07
CA LEU D 32 9.27 -15.30 -37.66
C LEU D 32 10.59 -15.36 -36.91
N ARG D 33 11.58 -15.97 -37.56
CA ARG D 33 12.95 -16.08 -37.02
C ARG D 33 13.51 -14.73 -36.57
N ASP D 34 13.40 -13.72 -37.42
CA ASP D 34 13.88 -12.40 -37.08
C ASP D 34 13.02 -11.71 -36.02
N TRP D 35 11.70 -11.86 -36.12
CA TRP D 35 10.84 -11.17 -35.19
C TRP D 35 10.96 -11.66 -33.74
N VAL D 36 11.10 -12.97 -33.56
CA VAL D 36 11.20 -13.56 -32.22
C VAL D 36 12.40 -13.06 -31.44
N VAL D 37 13.55 -13.03 -32.10
CA VAL D 37 14.77 -12.53 -31.49
C VAL D 37 14.57 -11.07 -31.08
N GLU D 38 13.97 -10.29 -31.97
CA GLU D 38 13.78 -8.87 -31.72
C GLU D 38 12.80 -8.60 -30.58
N VAL D 39 11.75 -9.41 -30.51
CA VAL D 39 10.76 -9.27 -29.45
C VAL D 39 11.38 -9.46 -28.07
N GLU D 40 12.23 -10.47 -27.93
CA GLU D 40 12.92 -10.69 -26.67
C GLU D 40 13.89 -9.56 -26.32
N LYS D 41 14.64 -9.09 -27.32
CA LYS D 41 15.54 -7.95 -27.12
C LYS D 41 14.78 -6.70 -26.64
N ARG D 42 13.61 -6.46 -27.21
CA ARG D 42 12.82 -5.30 -26.83
C ARG D 42 12.33 -5.38 -25.38
N GLY D 43 12.25 -6.59 -24.84
CA GLY D 43 11.92 -6.76 -23.43
C GLY D 43 10.55 -7.36 -23.15
N ALA D 44 10.01 -8.10 -24.11
CA ALA D 44 8.74 -8.80 -23.89
C ALA D 44 8.86 -9.77 -22.73
N GLY D 45 7.74 -10.02 -22.03
CA GLY D 45 7.72 -10.98 -20.94
C GLY D 45 7.29 -12.39 -21.36
N GLU D 46 6.36 -12.47 -22.30
CA GLU D 46 5.81 -13.73 -22.77
C GLU D 46 5.52 -13.60 -24.26
N ILE D 47 5.58 -14.73 -24.96
CA ILE D 47 5.15 -14.77 -26.36
C ILE D 47 3.93 -15.65 -26.50
N LEU D 48 2.87 -15.10 -27.07
CA LEU D 48 1.73 -15.89 -27.46
C LEU D 48 1.95 -16.26 -28.93
N LEU D 49 2.06 -17.56 -29.21
CA LEU D 49 2.43 -17.99 -30.54
C LEU D 49 1.26 -18.65 -31.27
N THR D 50 0.72 -17.94 -32.26
CA THR D 50 -0.44 -18.42 -32.98
C THR D 50 -0.12 -18.84 -34.43
N SER D 51 -0.48 -20.07 -34.76
CA SER D 51 -0.40 -20.55 -36.13
C SER D 51 -1.78 -20.43 -36.79
N ILE D 52 -1.95 -19.41 -37.63
CA ILE D 52 -3.28 -19.17 -38.22
C ILE D 52 -3.85 -20.36 -38.99
N ASP D 53 -2.98 -21.13 -39.62
CA ASP D 53 -3.43 -22.32 -40.35
C ASP D 53 -4.03 -23.40 -39.43
N ARG D 54 -3.69 -23.37 -38.14
CA ARG D 54 -4.25 -24.35 -37.21
C ARG D 54 -5.52 -23.87 -36.52
N VAL D 55 -5.68 -22.54 -36.42
CA VAL D 55 -6.83 -21.96 -35.71
C VAL D 55 -8.17 -22.60 -36.09
N GLY D 56 -8.84 -23.18 -35.10
CA GLY D 56 -10.18 -23.72 -35.26
C GLY D 56 -10.27 -25.07 -35.96
N THR D 57 -9.12 -25.61 -36.38
CA THR D 57 -9.11 -26.88 -37.09
C THR D 57 -9.27 -28.04 -36.12
N LYS D 58 -8.97 -27.77 -34.86
CA LYS D 58 -8.94 -28.80 -33.82
C LYS D 58 -8.01 -29.96 -34.19
N SER D 59 -7.00 -29.67 -35.01
CA SER D 59 -6.17 -30.70 -35.64
C SER D 59 -4.83 -30.92 -34.95
N GLY D 60 -4.59 -30.20 -33.86
CA GLY D 60 -3.30 -30.23 -33.20
C GLY D 60 -2.65 -28.87 -33.26
N TYR D 61 -1.79 -28.57 -32.29
CA TYR D 61 -0.96 -27.36 -32.36
C TYR D 61 0.07 -27.49 -33.47
N ASP D 62 0.56 -26.37 -33.97
CA ASP D 62 1.62 -26.38 -34.95
C ASP D 62 2.95 -26.66 -34.23
N THR D 63 3.21 -27.93 -33.95
CA THR D 63 4.37 -28.28 -33.13
C THR D 63 5.67 -28.00 -33.86
N GLU D 64 5.61 -28.05 -35.20
CA GLU D 64 6.75 -27.65 -36.02
C GLU D 64 7.12 -26.19 -35.77
N MET D 65 6.13 -25.31 -35.72
CA MET D 65 6.38 -23.89 -35.47
C MET D 65 6.89 -23.63 -34.06
N ILE D 66 6.39 -24.38 -33.09
CA ILE D 66 6.82 -24.23 -31.72
C ILE D 66 8.27 -24.67 -31.54
N ARG D 67 8.60 -25.81 -32.14
CA ARG D 67 9.95 -26.32 -32.10
C ARG D 67 10.89 -25.36 -32.80
N PHE D 68 10.40 -24.70 -33.84
CA PHE D 68 11.17 -23.70 -34.57
C PHE D 68 11.52 -22.49 -33.69
N VAL D 69 10.58 -22.09 -32.84
CA VAL D 69 10.71 -20.86 -32.05
C VAL D 69 11.46 -21.08 -30.75
N ARG D 70 11.26 -22.24 -30.14
CA ARG D 70 11.88 -22.59 -28.86
C ARG D 70 13.38 -22.24 -28.70
N PRO D 71 14.22 -22.60 -29.69
CA PRO D 71 15.65 -22.33 -29.47
C PRO D 71 15.99 -20.86 -29.58
N LEU D 72 15.06 -20.06 -30.07
CA LEU D 72 15.35 -18.68 -30.39
C LEU D 72 15.14 -17.76 -29.20
N THR D 73 14.50 -18.29 -28.16
CA THR D 73 14.02 -17.45 -27.07
C THR D 73 14.07 -18.16 -25.71
N THR D 74 14.36 -17.40 -24.65
CA THR D 74 14.30 -17.95 -23.29
C THR D 74 12.94 -17.66 -22.65
N LEU D 75 12.10 -16.93 -23.37
CA LEU D 75 10.81 -16.49 -22.82
C LEU D 75 9.80 -17.61 -22.74
N PRO D 76 8.81 -17.47 -21.84
CA PRO D 76 7.67 -18.39 -21.85
C PRO D 76 6.94 -18.31 -23.19
N ILE D 77 6.59 -19.47 -23.74
CA ILE D 77 5.83 -19.52 -24.98
C ILE D 77 4.45 -20.08 -24.70
N ILE D 78 3.42 -19.39 -25.16
CA ILE D 78 2.05 -19.89 -25.08
C ILE D 78 1.63 -20.35 -26.47
N ALA D 79 1.47 -21.65 -26.63
CA ALA D 79 1.05 -22.20 -27.90
C ALA D 79 -0.44 -21.93 -28.13
N SER D 80 -0.76 -21.50 -29.34
CA SER D 80 -2.12 -21.06 -29.65
C SER D 80 -2.52 -21.53 -31.05
N GLY D 81 -3.72 -22.08 -31.15
CA GLY D 81 -4.28 -22.47 -32.44
C GLY D 81 -4.23 -23.95 -32.72
N GLY D 82 -5.40 -24.62 -32.69
CA GLY D 82 -5.47 -26.02 -33.12
C GLY D 82 -5.72 -27.12 -32.11
N ALA D 83 -5.79 -26.78 -30.83
CA ALA D 83 -6.07 -27.79 -29.80
C ALA D 83 -7.44 -28.43 -30.01
N GLY D 84 -7.53 -29.74 -29.81
CA GLY D 84 -8.79 -30.45 -29.99
C GLY D 84 -8.98 -31.69 -29.10
N LYS D 85 -7.88 -32.30 -28.71
CA LYS D 85 -7.94 -33.47 -27.85
C LYS D 85 -6.76 -33.47 -26.88
N MET D 86 -6.88 -34.28 -25.83
CA MET D 86 -5.92 -34.30 -24.73
C MET D 86 -4.44 -34.37 -25.12
N GLU D 87 -4.12 -35.18 -26.13
CA GLU D 87 -2.73 -35.42 -26.52
C GLU D 87 -2.09 -34.26 -27.27
N HIS D 88 -2.91 -33.35 -27.77
CA HIS D 88 -2.39 -32.15 -28.42
C HIS D 88 -1.60 -31.29 -27.44
N PHE D 89 -2.12 -31.19 -26.22
CA PHE D 89 -1.47 -30.40 -25.18
C PHE D 89 -0.09 -30.94 -24.85
N LEU D 90 0.02 -32.25 -24.70
CA LEU D 90 1.29 -32.90 -24.42
C LEU D 90 2.28 -32.68 -25.55
N GLU D 91 1.81 -32.82 -26.78
CA GLU D 91 2.67 -32.63 -27.94
C GLU D 91 3.27 -31.23 -27.96
N ALA D 92 2.46 -30.26 -27.54
CA ALA D 92 2.86 -28.86 -27.50
C ALA D 92 3.93 -28.64 -26.44
N PHE D 93 3.71 -29.20 -25.26
CA PHE D 93 4.71 -29.12 -24.18
C PHE D 93 6.04 -29.77 -24.58
N LEU D 94 5.97 -30.92 -25.23
CA LEU D 94 7.18 -31.61 -25.69
C LEU D 94 7.89 -30.79 -26.76
N ALA D 95 7.13 -29.97 -27.47
CA ALA D 95 7.66 -29.13 -28.53
C ALA D 95 8.40 -27.91 -27.97
N GLY D 96 8.10 -27.55 -26.72
CA GLY D 96 8.74 -26.42 -26.07
C GLY D 96 7.81 -25.40 -25.41
N ALA D 97 6.50 -25.50 -25.65
CA ALA D 97 5.57 -24.51 -25.08
C ALA D 97 5.58 -24.56 -23.55
N ASP D 98 5.33 -23.42 -22.92
CA ASP D 98 5.24 -23.39 -21.46
C ASP D 98 3.79 -23.38 -20.99
N LYS D 99 2.92 -22.78 -21.80
CA LYS D 99 1.49 -22.83 -21.53
C LYS D 99 0.78 -23.13 -22.83
N VAL D 100 -0.46 -23.60 -22.72
CA VAL D 100 -1.29 -23.86 -23.90
C VAL D 100 -2.53 -22.98 -23.89
N SER D 101 -2.88 -22.47 -25.06
CA SER D 101 -4.09 -21.67 -25.21
C SER D 101 -5.15 -22.45 -25.98
N ILE D 102 -6.40 -22.27 -25.59
CA ILE D 102 -7.49 -22.99 -26.23
C ILE D 102 -8.75 -22.13 -26.35
N ASN D 103 -9.47 -22.29 -27.46
CA ASN D 103 -10.71 -21.59 -27.69
C ASN D 103 -11.79 -22.52 -28.25
N THR D 104 -11.72 -22.79 -29.56
CA THR D 104 -12.75 -23.54 -30.27
C THR D 104 -13.14 -24.86 -29.60
N ALA D 105 -12.15 -25.71 -29.30
CA ALA D 105 -12.42 -27.03 -28.72
C ALA D 105 -13.03 -26.97 -27.31
N ALA D 106 -12.67 -25.94 -26.55
CA ALA D 106 -13.20 -25.77 -25.21
C ALA D 106 -14.67 -25.35 -25.27
N VAL D 107 -15.02 -24.51 -26.23
CA VAL D 107 -16.40 -24.09 -26.37
C VAL D 107 -17.27 -25.30 -26.76
N GLU D 108 -16.77 -26.09 -27.69
CA GLU D 108 -17.46 -27.30 -28.13
C GLU D 108 -17.48 -28.35 -27.02
N ASN D 109 -16.39 -28.44 -26.26
CA ASN D 109 -16.28 -29.41 -25.16
C ASN D 109 -15.51 -28.85 -23.98
N PRO D 110 -16.21 -28.17 -23.07
CA PRO D 110 -15.65 -27.52 -21.87
C PRO D 110 -14.94 -28.46 -20.90
N SER D 111 -15.31 -29.74 -20.87
CA SER D 111 -14.67 -30.72 -19.99
C SER D 111 -13.17 -30.81 -20.26
N LEU D 112 -12.80 -30.58 -21.51
CA LEU D 112 -11.40 -30.56 -21.93
C LEU D 112 -10.55 -29.59 -21.09
N ILE D 113 -11.15 -28.49 -20.65
CA ILE D 113 -10.47 -27.54 -19.76
C ILE D 113 -10.11 -28.24 -18.45
N THR D 114 -11.09 -28.94 -17.88
CA THR D 114 -10.90 -29.63 -16.61
C THR D 114 -9.87 -30.73 -16.77
N GLN D 115 -10.01 -31.51 -17.83
CA GLN D 115 -9.07 -32.57 -18.18
C GLN D 115 -7.63 -32.09 -18.15
N ILE D 116 -7.35 -30.97 -18.82
CA ILE D 116 -5.98 -30.44 -18.88
C ILE D 116 -5.55 -29.81 -17.56
N ALA D 117 -6.47 -29.09 -16.92
CA ALA D 117 -6.21 -28.48 -15.63
C ALA D 117 -5.84 -29.51 -14.56
N GLN D 118 -6.61 -30.60 -14.50
CA GLN D 118 -6.36 -31.66 -13.52
C GLN D 118 -5.05 -32.41 -13.76
N THR D 119 -4.55 -32.36 -15.00
CA THR D 119 -3.35 -33.08 -15.37
C THR D 119 -2.06 -32.29 -15.10
N PHE D 120 -2.03 -31.05 -15.58
CA PHE D 120 -0.81 -30.26 -15.58
C PHE D 120 -0.84 -29.09 -14.61
N GLY D 121 -2.04 -28.69 -14.20
CA GLY D 121 -2.20 -27.54 -13.35
C GLY D 121 -2.90 -26.42 -14.09
N SER D 122 -3.56 -25.54 -13.35
CA SER D 122 -4.28 -24.44 -13.96
C SER D 122 -3.38 -23.44 -14.67
N GLN D 123 -2.18 -23.21 -14.14
CA GLN D 123 -1.35 -22.11 -14.65
C GLN D 123 -0.78 -22.34 -16.06
N ALA D 124 -0.85 -23.57 -16.55
CA ALA D 124 -0.39 -23.89 -17.90
C ALA D 124 -1.52 -23.68 -18.91
N VAL D 125 -2.73 -23.50 -18.41
CA VAL D 125 -3.93 -23.41 -19.24
C VAL D 125 -4.52 -22.00 -19.38
N VAL D 126 -4.34 -21.41 -20.57
CA VAL D 126 -4.96 -20.14 -20.93
C VAL D 126 -6.18 -20.41 -21.81
N VAL D 127 -7.32 -19.86 -21.44
CA VAL D 127 -8.48 -19.94 -22.34
C VAL D 127 -8.65 -18.63 -23.12
N ALA D 128 -8.53 -18.73 -24.44
CA ALA D 128 -8.79 -17.59 -25.31
C ALA D 128 -10.28 -17.40 -25.52
N ILE D 129 -10.78 -16.24 -25.10
CA ILE D 129 -12.16 -15.89 -25.34
C ILE D 129 -12.26 -14.77 -26.35
N VAL D 130 -12.68 -15.10 -27.57
CA VAL D 130 -12.91 -14.09 -28.60
C VAL D 130 -14.39 -13.72 -28.59
N ALA D 131 -14.68 -12.43 -28.44
CA ALA D 131 -16.06 -12.01 -28.26
C ALA D 131 -16.33 -10.72 -29.01
N LYS D 132 -17.61 -10.39 -29.14
CA LYS D 132 -18.03 -9.07 -29.61
C LYS D 132 -19.49 -8.81 -29.29
N ARG D 133 -19.92 -7.60 -29.58
CA ARG D 133 -21.30 -7.22 -29.39
C ARG D 133 -22.16 -7.78 -30.51
N VAL D 134 -23.23 -8.46 -30.12
CA VAL D 134 -24.19 -8.99 -31.06
C VAL D 134 -25.54 -8.70 -30.46
N ASP D 135 -26.31 -7.83 -31.12
CA ASP D 135 -27.70 -7.61 -30.73
C ASP D 135 -27.78 -7.03 -29.31
N GLY D 136 -26.80 -6.21 -28.94
CA GLY D 136 -26.79 -5.61 -27.62
C GLY D 136 -26.15 -6.46 -26.52
N GLU D 137 -25.71 -7.67 -26.85
CA GLU D 137 -25.02 -8.51 -25.88
C GLU D 137 -23.60 -8.91 -26.29
N PHE D 138 -22.76 -9.16 -25.28
CA PHE D 138 -21.45 -9.73 -25.49
C PHE D 138 -21.57 -11.22 -25.71
N MET D 139 -21.21 -11.68 -26.89
CA MET D 139 -21.30 -13.09 -27.20
C MET D 139 -19.96 -13.68 -27.59
N VAL D 140 -19.87 -15.01 -27.51
CA VAL D 140 -18.62 -15.74 -27.70
C VAL D 140 -18.56 -16.38 -29.09
N PHE D 141 -17.37 -16.34 -29.70
CA PHE D 141 -17.15 -16.85 -31.05
C PHE D 141 -15.95 -17.79 -31.07
N THR D 142 -16.00 -18.79 -31.94
CA THR D 142 -14.87 -19.71 -32.16
C THR D 142 -14.31 -19.44 -33.54
N HIS D 143 -13.29 -20.19 -33.95
CA HIS D 143 -12.66 -20.01 -35.26
C HIS D 143 -12.24 -18.57 -35.52
N SER D 144 -11.41 -18.01 -34.64
CA SER D 144 -10.89 -16.66 -34.82
C SER D 144 -11.99 -15.61 -34.87
N GLY D 145 -13.18 -15.97 -34.41
CA GLY D 145 -14.29 -15.04 -34.42
C GLY D 145 -15.16 -15.14 -35.65
N LYS D 146 -14.93 -16.16 -36.48
CA LYS D 146 -15.72 -16.37 -37.68
C LYS D 146 -16.92 -17.31 -37.49
N LYS D 147 -17.04 -17.91 -36.32
CA LYS D 147 -18.18 -18.81 -36.09
C LYS D 147 -18.91 -18.50 -34.80
N ASN D 148 -20.20 -18.17 -34.90
CA ASN D 148 -21.01 -17.88 -33.73
C ASN D 148 -21.25 -19.13 -32.88
N THR D 149 -21.45 -18.93 -31.58
CA THR D 149 -21.68 -20.05 -30.67
C THR D 149 -23.09 -20.06 -30.09
N GLY D 150 -23.63 -18.88 -29.84
CA GLY D 150 -24.88 -18.74 -29.10
C GLY D 150 -24.66 -18.61 -27.60
N ILE D 151 -23.39 -18.59 -27.18
CA ILE D 151 -23.04 -18.48 -25.76
C ILE D 151 -22.72 -17.03 -25.34
N LEU D 152 -23.31 -16.60 -24.22
CA LEU D 152 -23.03 -15.28 -23.67
C LEU D 152 -21.65 -15.21 -23.01
N LEU D 153 -20.97 -14.08 -23.14
CA LEU D 153 -19.66 -13.88 -22.53
C LEU D 153 -19.74 -14.11 -21.02
N ARG D 154 -20.82 -13.62 -20.42
CA ARG D 154 -20.97 -13.73 -18.97
C ARG D 154 -21.00 -15.18 -18.53
N ASP D 155 -21.87 -15.99 -19.12
CA ASP D 155 -21.94 -17.41 -18.77
C ASP D 155 -20.62 -18.14 -19.03
N TRP D 156 -19.99 -17.85 -20.16
CA TRP D 156 -18.79 -18.57 -20.57
C TRP D 156 -17.58 -18.25 -19.68
N VAL D 157 -17.44 -16.99 -19.27
CA VAL D 157 -16.35 -16.59 -18.39
C VAL D 157 -16.44 -17.32 -17.04
N VAL D 158 -17.65 -17.38 -16.49
CA VAL D 158 -17.88 -18.13 -15.26
C VAL D 158 -17.52 -19.60 -15.49
N GLU D 159 -18.04 -20.17 -16.56
CA GLU D 159 -17.86 -21.58 -16.88
C GLU D 159 -16.39 -21.98 -16.95
N VAL D 160 -15.60 -21.16 -17.65
CA VAL D 160 -14.20 -21.44 -17.90
C VAL D 160 -13.39 -21.46 -16.60
N GLU D 161 -13.70 -20.53 -15.71
CA GLU D 161 -13.07 -20.50 -14.41
C GLU D 161 -13.48 -21.72 -13.58
N LYS D 162 -14.78 -22.05 -13.61
CA LYS D 162 -15.30 -23.20 -12.85
C LYS D 162 -14.54 -24.47 -13.20
N ARG D 163 -14.18 -24.61 -14.48
CA ARG D 163 -13.53 -25.81 -14.97
C ARG D 163 -12.01 -25.82 -14.81
N GLY D 164 -11.46 -24.77 -14.22
CA GLY D 164 -10.05 -24.78 -13.84
C GLY D 164 -9.05 -24.14 -14.80
N ALA D 165 -9.50 -23.16 -15.58
CA ALA D 165 -8.56 -22.43 -16.41
C ALA D 165 -7.71 -21.55 -15.51
N GLY D 166 -6.49 -21.25 -15.95
CA GLY D 166 -5.58 -20.44 -15.17
C GLY D 166 -5.59 -18.96 -15.52
N GLU D 167 -5.84 -18.66 -16.80
CA GLU D 167 -5.86 -17.27 -17.27
C GLU D 167 -6.84 -17.14 -18.43
N ILE D 168 -7.27 -15.91 -18.68
CA ILE D 168 -8.17 -15.62 -19.77
C ILE D 168 -7.55 -14.63 -20.74
N LEU D 169 -7.32 -15.08 -21.97
CA LEU D 169 -6.96 -14.18 -23.04
C LEU D 169 -8.26 -13.64 -23.63
N LEU D 170 -8.52 -12.37 -23.34
CA LEU D 170 -9.77 -11.74 -23.71
C LEU D 170 -9.56 -10.88 -24.96
N THR D 171 -9.96 -11.41 -26.11
CA THR D 171 -9.82 -10.74 -27.39
C THR D 171 -11.12 -10.11 -27.88
N SER D 172 -11.08 -8.82 -28.14
CA SER D 172 -12.21 -8.11 -28.72
C SER D 172 -12.05 -8.06 -30.22
N ILE D 173 -12.76 -8.94 -30.91
CA ILE D 173 -12.54 -9.15 -32.34
C ILE D 173 -12.59 -7.85 -33.18
N ASP D 174 -13.51 -6.95 -32.83
CA ASP D 174 -13.68 -5.70 -33.56
C ASP D 174 -12.51 -4.72 -33.41
N ARG D 175 -11.65 -4.96 -32.44
CA ARG D 175 -10.54 -4.06 -32.16
C ARG D 175 -9.20 -4.55 -32.71
N VAL D 176 -9.12 -5.85 -33.01
CA VAL D 176 -7.87 -6.46 -33.43
C VAL D 176 -7.32 -5.78 -34.68
N GLY D 177 -6.06 -5.34 -34.60
CA GLY D 177 -5.40 -4.70 -35.72
C GLY D 177 -5.78 -3.25 -36.01
N THR D 178 -6.67 -2.67 -35.22
CA THR D 178 -7.14 -1.30 -35.47
C THR D 178 -6.34 -0.21 -34.76
N LYS D 179 -5.41 -0.60 -33.90
CA LYS D 179 -4.58 0.35 -33.15
C LYS D 179 -5.38 1.48 -32.47
N SER D 180 -6.61 1.19 -32.09
CA SER D 180 -7.50 2.22 -31.57
C SER D 180 -7.73 2.14 -30.08
N GLY D 181 -7.04 1.21 -29.42
CA GLY D 181 -7.16 1.03 -27.98
C GLY D 181 -7.96 -0.22 -27.67
N TYR D 182 -7.80 -0.74 -26.46
CA TYR D 182 -8.48 -1.96 -26.07
C TYR D 182 -9.97 -1.69 -25.88
N ASP D 183 -10.76 -2.75 -25.96
CA ASP D 183 -12.18 -2.68 -25.63
C ASP D 183 -12.33 -2.67 -24.11
N THR D 184 -12.09 -1.52 -23.49
CA THR D 184 -12.09 -1.46 -22.02
C THR D 184 -13.43 -1.82 -21.38
N GLU D 185 -14.54 -1.53 -22.07
CA GLU D 185 -15.83 -1.82 -21.45
C GLU D 185 -16.12 -3.32 -21.44
N MET D 186 -15.56 -4.03 -22.40
CA MET D 186 -15.62 -5.49 -22.36
C MET D 186 -14.80 -6.02 -21.20
N ILE D 187 -13.62 -5.44 -21.01
CA ILE D 187 -12.79 -5.81 -19.87
C ILE D 187 -13.47 -5.54 -18.53
N ARG D 188 -14.01 -4.32 -18.36
CA ARG D 188 -14.72 -3.95 -17.13
C ARG D 188 -15.92 -4.85 -16.90
N PHE D 189 -16.56 -5.26 -17.98
CA PHE D 189 -17.68 -6.20 -17.92
C PHE D 189 -17.25 -7.55 -17.36
N VAL D 190 -16.07 -8.02 -17.78
CA VAL D 190 -15.62 -9.34 -17.40
C VAL D 190 -14.96 -9.34 -16.02
N ARG D 191 -14.25 -8.27 -15.69
CA ARG D 191 -13.53 -8.18 -14.41
C ARG D 191 -14.24 -8.76 -13.16
N PRO D 192 -15.46 -8.28 -12.85
CA PRO D 192 -16.08 -8.75 -11.60
C PRO D 192 -16.68 -10.15 -11.71
N LEU D 193 -16.47 -10.83 -12.83
CA LEU D 193 -17.02 -12.15 -13.04
C LEU D 193 -15.99 -13.23 -12.76
N THR D 194 -14.73 -12.84 -12.69
CA THR D 194 -13.65 -13.82 -12.52
C THR D 194 -12.55 -13.33 -11.62
N THR D 195 -11.92 -14.28 -10.93
CA THR D 195 -10.76 -13.99 -10.09
C THR D 195 -9.48 -14.26 -10.87
N LEU D 196 -9.64 -14.80 -12.08
CA LEU D 196 -8.51 -15.15 -12.95
C LEU D 196 -7.81 -13.93 -13.56
N PRO D 197 -6.51 -14.07 -13.85
CA PRO D 197 -5.74 -13.03 -14.54
C PRO D 197 -6.26 -12.83 -15.96
N ILE D 198 -6.55 -11.58 -16.32
CA ILE D 198 -7.07 -11.25 -17.63
C ILE D 198 -5.96 -10.62 -18.46
N ILE D 199 -5.78 -11.13 -19.67
CA ILE D 199 -4.83 -10.57 -20.62
C ILE D 199 -5.63 -9.83 -21.67
N ALA D 200 -5.49 -8.50 -21.70
CA ALA D 200 -6.22 -7.70 -22.66
C ALA D 200 -5.60 -7.87 -24.03
N SER D 201 -6.46 -8.07 -25.02
CA SER D 201 -6.04 -8.42 -26.36
C SER D 201 -6.84 -7.73 -27.44
N GLY D 202 -6.14 -7.09 -28.37
CA GLY D 202 -6.78 -6.52 -29.53
C GLY D 202 -6.95 -5.02 -29.42
N GLY D 203 -6.22 -4.28 -30.27
CA GLY D 203 -6.45 -2.86 -30.41
C GLY D 203 -5.39 -1.92 -29.86
N ALA D 204 -4.38 -2.45 -29.14
CA ALA D 204 -3.33 -1.58 -28.59
C ALA D 204 -2.57 -0.82 -29.67
N GLY D 205 -2.30 0.46 -29.41
CA GLY D 205 -1.64 1.30 -30.39
C GLY D 205 -0.73 2.36 -29.79
N LYS D 206 -0.79 2.52 -28.47
CA LYS D 206 0.04 3.51 -27.77
C LYS D 206 -0.01 3.30 -26.27
N MET D 207 0.93 3.91 -25.57
CA MET D 207 1.10 3.73 -24.12
C MET D 207 -0.15 3.93 -23.27
N GLU D 208 -0.94 4.96 -23.58
CA GLU D 208 -2.13 5.26 -22.79
C GLU D 208 -3.17 4.15 -22.91
N HIS D 209 -3.12 3.42 -24.03
CA HIS D 209 -4.00 2.29 -24.23
C HIS D 209 -3.74 1.21 -23.17
N PHE D 210 -2.47 0.92 -22.90
CA PHE D 210 -2.13 -0.04 -21.85
C PHE D 210 -2.64 0.43 -20.48
N LEU D 211 -2.44 1.71 -20.19
CA LEU D 211 -2.97 2.29 -18.96
C LEU D 211 -4.47 2.03 -18.83
N GLU D 212 -5.23 2.31 -19.89
CA GLU D 212 -6.69 2.14 -19.84
C GLU D 212 -7.07 0.69 -19.58
N ALA D 213 -6.27 -0.23 -20.14
CA ALA D 213 -6.46 -1.66 -19.91
C ALA D 213 -6.27 -2.07 -18.45
N PHE D 214 -5.20 -1.58 -17.82
CA PHE D 214 -4.97 -1.87 -16.40
C PHE D 214 -6.04 -1.24 -15.50
N LEU D 215 -6.47 -0.03 -15.84
CA LEU D 215 -7.52 0.63 -15.07
C LEU D 215 -8.87 -0.08 -15.23
N ALA D 216 -9.05 -0.81 -16.33
CA ALA D 216 -10.30 -1.53 -16.58
C ALA D 216 -10.32 -2.87 -15.85
N GLY D 217 -9.15 -3.32 -15.38
CA GLY D 217 -9.07 -4.56 -14.64
C GLY D 217 -8.20 -5.63 -15.28
N ALA D 218 -7.58 -5.32 -16.41
CA ALA D 218 -6.68 -6.28 -17.04
C ALA D 218 -5.46 -6.52 -16.14
N ASP D 219 -4.93 -7.73 -16.15
CA ASP D 219 -3.72 -8.04 -15.40
C ASP D 219 -2.48 -8.04 -16.29
N LYS D 220 -2.67 -8.37 -17.56
CA LYS D 220 -1.57 -8.33 -18.51
C LYS D 220 -2.09 -7.72 -19.78
N VAL D 221 -1.20 -7.26 -20.65
CA VAL D 221 -1.64 -6.74 -21.93
C VAL D 221 -0.93 -7.47 -23.05
N SER D 222 -1.65 -7.68 -24.15
CA SER D 222 -1.06 -8.30 -25.33
C SER D 222 -1.05 -7.30 -26.48
N ILE D 223 -0.03 -7.40 -27.33
CA ILE D 223 0.11 -6.49 -28.44
C ILE D 223 0.74 -7.20 -29.64
N ASN D 224 0.19 -6.98 -30.83
CA ASN D 224 0.72 -7.58 -32.05
C ASN D 224 1.03 -6.52 -33.09
N THR D 225 -0.01 -6.10 -33.81
CA THR D 225 0.12 -5.17 -34.93
C THR D 225 0.98 -3.93 -34.66
N ALA D 226 0.70 -3.24 -33.56
CA ALA D 226 1.41 -2.02 -33.19
C ALA D 226 2.88 -2.26 -32.80
N ALA D 227 3.16 -3.42 -32.22
CA ALA D 227 4.53 -3.78 -31.87
C ALA D 227 5.39 -4.04 -33.11
N VAL D 228 4.82 -4.75 -34.09
CA VAL D 228 5.53 -4.99 -35.34
C VAL D 228 5.84 -3.68 -36.06
N GLU D 229 4.90 -2.74 -36.01
CA GLU D 229 5.12 -1.45 -36.64
C GLU D 229 6.08 -0.58 -35.83
N ASN D 230 6.04 -0.74 -34.50
CA ASN D 230 6.89 0.04 -33.61
C ASN D 230 7.39 -0.78 -32.41
N PRO D 231 8.51 -1.51 -32.61
CA PRO D 231 9.00 -2.43 -31.58
C PRO D 231 9.47 -1.73 -30.31
N SER D 232 9.74 -0.44 -30.39
CA SER D 232 10.15 0.34 -29.22
C SER D 232 9.00 0.45 -28.21
N LEU D 233 7.78 0.25 -28.70
CA LEU D 233 6.60 0.28 -27.86
C LEU D 233 6.63 -0.88 -26.87
N ILE D 234 7.22 -2.00 -27.28
CA ILE D 234 7.39 -3.15 -26.39
C ILE D 234 8.28 -2.73 -25.23
N THR D 235 9.28 -1.91 -25.53
CA THR D 235 10.25 -1.50 -24.54
C THR D 235 9.65 -0.51 -23.54
N GLN D 236 8.88 0.44 -24.06
CA GLN D 236 8.25 1.45 -23.23
C GLN D 236 7.33 0.81 -22.21
N ILE D 237 6.51 -0.13 -22.66
CA ILE D 237 5.57 -0.77 -21.74
C ILE D 237 6.31 -1.67 -20.75
N ALA D 238 7.37 -2.34 -21.22
CA ALA D 238 8.09 -3.28 -20.36
C ALA D 238 8.83 -2.56 -19.21
N GLN D 239 9.25 -1.32 -19.45
CA GLN D 239 9.95 -0.55 -18.43
C GLN D 239 8.98 0.20 -17.51
N THR D 240 7.74 0.35 -17.94
CA THR D 240 6.72 0.99 -17.11
C THR D 240 5.73 -0.05 -16.58
P PI E . 3.97 21.21 32.88
O1 PI E . 3.45 20.22 33.91
O2 PI E . 2.83 21.65 32.02
O3 PI E . 5.07 20.61 32.04
O4 PI E . 4.52 22.41 33.60
P PI F . 13.90 9.15 27.55
O1 PI F . 13.73 7.81 28.24
O2 PI F . 14.08 8.85 26.07
O3 PI F . 15.12 9.86 28.06
O4 PI F . 12.68 9.98 27.81
P PI G . -2.85 -27.01 5.09
O1 PI G . -2.74 -28.42 4.52
O2 PI G . -4.10 -26.32 4.61
O3 PI G . -1.64 -26.25 4.57
O4 PI G . -2.81 -27.09 6.61
P PI H . 4.93 -13.86 -1.18
O1 PI H . 4.12 -14.71 -0.20
O2 PI H . 5.47 -14.77 -2.24
O3 PI H . 6.05 -13.15 -0.43
O4 PI H . 4.00 -12.86 -1.81
P PI I . -12.06 23.53 1.07
O1 PI I . -12.41 22.65 2.26
O2 PI I . -13.17 23.32 0.08
O3 PI I . -10.76 23.14 0.44
O4 PI I . -11.99 24.99 1.49
P PI J . 2.21 16.02 -1.76
O1 PI J . 2.57 14.90 -0.80
O2 PI J . 2.77 15.70 -3.13
O3 PI J . 2.80 17.31 -1.28
O4 PI J . 0.70 16.14 -1.84
P PI K . -3.45 -6.48 -32.11
O1 PI K . -3.89 -7.79 -31.53
O2 PI K . -2.90 -6.68 -33.51
O3 PI K . -2.36 -5.85 -31.27
O4 PI K . -4.69 -5.60 -32.13
P PI L . -8.27 -22.29 -31.38
O1 PI L . -8.12 -23.04 -30.06
O2 PI L . -7.95 -23.25 -32.49
O3 PI L . -7.26 -21.17 -31.47
O4 PI L . -9.67 -21.76 -31.53
#